data_2PWE
#
_entry.id   2PWE
#
_cell.length_a   64.310
_cell.length_b   73.730
_cell.length_c   82.750
_cell.angle_alpha   66.18
_cell.angle_beta   74.51
_cell.angle_gamma   72.55
#
_symmetry.space_group_name_H-M   'P 1'
#
loop_
_entity.id
_entity.type
_entity.pdbx_description
1 polymer 'Sucrose isomerase'
2 branched beta-D-fructofuranose-(2-1)-alpha-D-glucopyranose
3 non-polymer 'CALCIUM ION'
4 water water
#
_entity_poly.entity_id   1
_entity_poly.type   'polypeptide(L)'
_entity_poly.pdbx_seq_one_letter_code
;PGAPWWKSAVFYQVYPRSFKDTNGDGIGDFKGLTEKLDYLKGLGIDAIWINPHYASPNTDNGYDISDYREVMKEYGTMED
FDRLMAELKKRGMRLMVDVVINHSSDQHEWFKSSRASKDNPYRDYYFWRDGKDGHEPNNYPSFFGGSAWEKDPVTGQYYL
HYFGRQQPDLNWDTPKLREELYAMLRFWLDKGVSGMRFDTVATYSKTPGFPDLTPEQMKNFAEAYTQGPNLHRYLQEMHE
KVFDHYDAVTAGQIFGAPLNQVPLFIDSRRKELDMAFTFDLIRYDRALDRWHTIPRTLADFRQTIDKVDAIAGEYGWNTF
FLGNHDNPRAVSHFGDDRPQWREASAKALATVTLTQRGTPFIFQGDELGMTNYPFKTLQDFDDIEVKGFFQDYVETGKAT
AEELLTNVALTSRDNARTPFQWDDSANAGFTTGKPWLKVNPNYTEINAAREIGDPKSVYSFYRNLISIRHETPALSTGSY
RDIDPSNADVYAYTRSQDGETYLVVVNFKAEPRSFTLPDGMHIAETLIESSSPAAPAAGAASLELQPWQSGIYKVK
;
_entity_poly.pdbx_strand_id   A,B
#
loop_
_chem_comp.id
_chem_comp.type
_chem_comp.name
_chem_comp.formula
CA non-polymer 'CALCIUM ION' 'Ca 2'
FRU D-saccharide, beta linking beta-D-fructofuranose 'C6 H12 O6'
GLC D-saccharide, alpha linking alpha-D-glucopyranose 'C6 H12 O6'
#
# COMPACT_ATOMS: atom_id res chain seq x y z
N PRO A 1 55.27 23.73 13.97
CA PRO A 1 54.20 23.88 12.96
C PRO A 1 53.16 24.93 13.40
N GLY A 2 52.25 25.25 12.49
CA GLY A 2 51.20 26.22 12.79
C GLY A 2 49.88 25.50 13.03
N ALA A 3 48.95 26.17 13.68
CA ALA A 3 47.65 25.54 13.93
C ALA A 3 46.75 25.85 12.76
N PRO A 4 45.92 24.88 12.33
CA PRO A 4 45.03 25.16 11.19
C PRO A 4 44.22 26.44 11.46
N TRP A 5 43.79 27.12 10.39
CA TRP A 5 43.03 28.33 10.55
C TRP A 5 41.76 28.12 11.38
N TRP A 6 41.12 27.00 11.18
CA TRP A 6 39.89 26.75 11.90
C TRP A 6 40.03 26.62 13.42
N LYS A 7 41.23 26.36 13.94
CA LYS A 7 41.40 26.24 15.39
C LYS A 7 41.51 27.63 16.03
N SER A 8 41.89 28.64 15.25
CA SER A 8 41.99 29.95 15.86
C SER A 8 41.00 30.94 15.29
N ALA A 9 40.05 30.45 14.51
CA ALA A 9 39.02 31.29 13.93
C ALA A 9 37.85 31.49 14.90
N VAL A 10 37.06 32.54 14.66
CA VAL A 10 35.85 32.82 15.47
C VAL A 10 34.77 32.72 14.40
N PHE A 11 33.82 31.81 14.60
CA PHE A 11 32.71 31.57 13.65
C PHE A 11 31.44 32.25 14.15
N TYR A 12 30.52 32.49 13.22
CA TYR A 12 29.24 33.12 13.54
C TYR A 12 28.18 32.29 12.83
N GLN A 13 27.16 31.86 13.56
CA GLN A 13 26.13 31.08 12.92
C GLN A 13 24.98 31.96 12.45
N VAL A 14 24.68 31.85 11.17
CA VAL A 14 23.58 32.61 10.59
C VAL A 14 22.44 31.66 10.25
N TYR A 15 21.26 31.96 10.77
CA TYR A 15 20.05 31.17 10.49
C TYR A 15 19.43 32.07 9.41
N PRO A 16 19.74 31.84 8.11
CA PRO A 16 19.19 32.73 7.08
C PRO A 16 17.73 33.14 7.11
N ARG A 17 16.88 32.19 7.48
CA ARG A 17 15.44 32.45 7.52
C ARG A 17 15.13 33.63 8.44
N SER A 18 15.95 33.84 9.46
CA SER A 18 15.68 34.91 10.42
C SER A 18 16.73 35.98 10.53
N PHE A 19 17.60 36.09 9.52
CA PHE A 19 18.69 37.07 9.61
C PHE A 19 18.32 38.38 8.94
N LYS A 20 18.08 38.38 7.62
CA LYS A 20 17.70 39.63 6.97
C LYS A 20 16.88 39.42 5.71
N ASP A 21 15.67 39.96 5.71
CA ASP A 21 14.79 39.83 4.57
C ASP A 21 15.01 41.05 3.68
N THR A 22 15.03 40.85 2.36
CA THR A 22 15.23 41.98 1.45
C THR A 22 14.15 42.09 0.39
N ASN A 23 13.10 41.28 0.46
CA ASN A 23 12.05 41.40 -0.55
C ASN A 23 10.68 41.36 0.12
N GLY A 24 10.68 41.67 1.42
CA GLY A 24 9.45 41.74 2.19
C GLY A 24 8.48 40.57 2.27
N ASP A 25 8.95 39.35 2.04
CA ASP A 25 8.02 38.23 2.14
C ASP A 25 8.06 37.74 3.57
N GLY A 26 8.85 38.40 4.40
CA GLY A 26 8.92 37.99 5.79
C GLY A 26 9.95 36.90 6.11
N ILE A 27 10.68 36.43 5.10
CA ILE A 27 11.69 35.39 5.34
C ILE A 27 13.06 35.92 4.93
N GLY A 28 14.07 35.69 5.78
CA GLY A 28 15.42 36.18 5.46
C GLY A 28 15.94 35.48 4.20
N ASP A 29 16.89 36.08 3.50
CA ASP A 29 17.40 35.52 2.26
C ASP A 29 18.87 35.82 2.06
N PHE A 30 19.45 35.27 0.99
CA PHE A 30 20.86 35.45 0.67
C PHE A 30 21.24 36.91 0.43
N LYS A 31 20.41 37.63 -0.30
CA LYS A 31 20.72 39.04 -0.58
C LYS A 31 20.82 39.78 0.76
N GLY A 32 19.95 39.41 1.70
CA GLY A 32 19.99 40.06 3.00
C GLY A 32 21.29 39.75 3.73
N LEU A 33 21.73 38.50 3.71
CA LEU A 33 22.98 38.18 4.39
C LEU A 33 24.17 38.85 3.73
N THR A 34 24.22 38.81 2.39
CA THR A 34 25.34 39.41 1.67
C THR A 34 25.47 40.88 2.04
N GLU A 35 24.33 41.52 2.15
CA GLU A 35 24.21 42.93 2.48
C GLU A 35 24.76 43.24 3.87
N LYS A 36 24.81 42.23 4.73
CA LYS A 36 25.30 42.41 6.08
C LYS A 36 26.73 41.90 6.34
N LEU A 37 27.48 41.56 5.30
CA LEU A 37 28.83 41.04 5.54
C LEU A 37 29.75 42.05 6.22
N ASP A 38 29.58 43.34 5.90
CA ASP A 38 30.43 44.37 6.52
C ASP A 38 30.18 44.40 8.04
N TYR A 39 28.94 44.15 8.43
CA TYR A 39 28.60 44.13 9.86
C TYR A 39 29.36 42.95 10.51
N LEU A 40 29.26 41.78 9.88
CA LEU A 40 29.95 40.63 10.44
C LEU A 40 31.45 40.85 10.40
N LYS A 41 31.95 41.35 9.28
CA LYS A 41 33.39 41.63 9.17
C LYS A 41 33.85 42.58 10.27
N GLY A 42 33.06 43.64 10.50
CA GLY A 42 33.42 44.61 11.54
C GLY A 42 33.43 44.06 12.96
N LEU A 43 32.58 43.04 13.19
CA LEU A 43 32.49 42.39 14.49
C LEU A 43 33.78 41.62 14.71
N GLY A 44 34.38 41.16 13.62
CA GLY A 44 35.63 40.42 13.73
C GLY A 44 35.46 38.95 13.36
N ILE A 45 34.35 38.61 12.69
CA ILE A 45 34.07 37.23 12.32
C ILE A 45 34.99 36.71 11.21
N ASP A 46 35.51 35.50 11.39
CA ASP A 46 36.39 34.90 10.38
C ASP A 46 35.60 34.00 9.47
N ALA A 47 34.58 33.34 9.99
CA ALA A 47 33.85 32.41 9.16
C ALA A 47 32.40 32.33 9.62
N ILE A 48 31.53 31.99 8.69
CA ILE A 48 30.11 31.88 8.95
C ILE A 48 29.58 30.50 8.63
N TRP A 49 28.76 29.96 9.53
CA TRP A 49 28.10 28.68 9.27
C TRP A 49 26.66 29.08 9.03
N ILE A 50 26.14 28.72 7.86
CA ILE A 50 24.73 29.01 7.56
C ILE A 50 23.90 27.74 7.64
N ASN A 51 22.70 27.86 8.18
CA ASN A 51 21.83 26.69 8.23
C ASN A 51 21.42 26.30 6.79
N PRO A 52 20.82 25.11 6.59
CA PRO A 52 20.42 24.64 5.26
C PRO A 52 19.89 25.70 4.29
N HIS A 53 20.47 25.71 3.08
CA HIS A 53 20.13 26.67 2.03
C HIS A 53 19.73 25.99 0.73
N TYR A 54 19.32 24.73 0.81
CA TYR A 54 18.96 23.96 -0.39
C TYR A 54 17.47 23.95 -0.61
N ALA A 55 17.03 23.52 -1.80
CA ALA A 55 15.60 23.45 -2.09
C ALA A 55 14.95 22.58 -1.00
N SER A 56 13.86 23.06 -0.41
CA SER A 56 13.19 22.37 0.70
C SER A 56 11.71 22.73 0.84
N PRO A 57 10.85 21.77 1.22
CA PRO A 57 9.42 22.11 1.39
C PRO A 57 9.26 22.92 2.68
N ASN A 58 10.34 22.96 3.46
CA ASN A 58 10.41 23.66 4.75
C ASN A 58 9.51 23.11 5.88
N THR A 59 9.29 21.81 5.89
CA THR A 59 8.51 21.24 6.98
C THR A 59 9.37 21.41 8.24
N ASP A 60 10.68 21.55 8.02
CA ASP A 60 11.60 21.72 9.14
C ASP A 60 12.65 22.77 8.78
N ASN A 61 12.17 23.82 8.11
CA ASN A 61 13.01 24.97 7.75
C ASN A 61 14.43 24.70 7.19
N GLY A 62 14.48 23.97 6.07
CA GLY A 62 15.77 23.67 5.44
C GLY A 62 16.30 22.28 5.69
N TYR A 63 15.90 21.66 6.80
CA TYR A 63 16.37 20.33 7.14
C TYR A 63 15.63 19.16 6.45
N ASP A 64 14.71 19.49 5.56
CA ASP A 64 13.99 18.47 4.78
C ASP A 64 14.29 18.94 3.35
N ILE A 65 15.37 18.41 2.80
CA ILE A 65 15.86 18.83 1.50
C ILE A 65 15.26 18.09 0.32
N SER A 66 14.71 18.78 -0.65
CA SER A 66 14.15 18.04 -1.76
C SER A 66 15.09 17.93 -2.98
N ASP A 67 16.22 18.65 -2.95
CA ASP A 67 17.20 18.59 -4.06
C ASP A 67 18.50 19.22 -3.55
N TYR A 68 19.51 18.38 -3.26
CA TYR A 68 20.78 18.86 -2.72
C TYR A 68 21.61 19.78 -3.61
N ARG A 69 21.17 19.97 -4.86
CA ARG A 69 21.93 20.79 -5.77
C ARG A 69 21.25 22.06 -6.26
N GLU A 70 20.17 22.45 -5.61
CA GLU A 70 19.48 23.70 -5.94
C GLU A 70 19.39 24.49 -4.63
N VAL A 71 19.41 25.81 -4.71
CA VAL A 71 19.30 26.63 -3.49
C VAL A 71 17.83 26.76 -3.17
N MET A 72 17.52 26.98 -1.91
CA MET A 72 16.13 27.14 -1.47
C MET A 72 15.55 28.37 -2.16
N LYS A 73 14.35 28.22 -2.72
CA LYS A 73 13.64 29.32 -3.43
C LYS A 73 13.55 30.57 -2.54
N GLU A 74 13.17 30.39 -1.30
CA GLU A 74 13.06 31.52 -0.37
C GLU A 74 14.38 32.28 -0.16
N TYR A 75 15.53 31.62 -0.28
CA TYR A 75 16.78 32.34 -0.03
C TYR A 75 17.35 33.04 -1.25
N GLY A 76 16.95 32.59 -2.44
CA GLY A 76 17.40 33.21 -3.67
C GLY A 76 17.66 32.23 -4.80
N THR A 77 18.70 32.52 -5.58
CA THR A 77 19.11 31.67 -6.70
C THR A 77 20.57 31.20 -6.50
N MET A 78 21.03 30.26 -7.34
CA MET A 78 22.40 29.77 -7.25
C MET A 78 23.31 31.00 -7.46
N GLU A 79 22.84 31.91 -8.29
CA GLU A 79 23.56 33.15 -8.60
C GLU A 79 23.72 33.97 -7.29
N ASP A 80 22.69 34.01 -6.46
CA ASP A 80 22.81 34.75 -5.19
C ASP A 80 23.79 34.01 -4.29
N PHE A 81 23.66 32.69 -4.26
CA PHE A 81 24.58 31.92 -3.44
C PHE A 81 26.03 32.22 -3.85
N ASP A 82 26.31 32.15 -5.16
CA ASP A 82 27.68 32.40 -5.65
C ASP A 82 28.15 33.80 -5.30
N ARG A 83 27.22 34.74 -5.40
CA ARG A 83 27.53 36.12 -5.07
C ARG A 83 27.93 36.19 -3.59
N LEU A 84 27.22 35.46 -2.72
CA LEU A 84 27.56 35.48 -1.29
C LEU A 84 29.00 34.97 -1.13
N MET A 85 29.30 33.88 -1.80
CA MET A 85 30.64 33.27 -1.75
C MET A 85 31.72 34.30 -2.13
N ALA A 86 31.50 34.94 -3.26
CA ALA A 86 32.42 35.93 -3.78
C ALA A 86 32.63 37.10 -2.84
N GLU A 87 31.54 37.58 -2.25
CA GLU A 87 31.63 38.71 -1.33
C GLU A 87 32.27 38.34 -0.01
N LEU A 88 32.19 37.07 0.37
CA LEU A 88 32.85 36.63 1.60
C LEU A 88 34.36 36.59 1.29
N LYS A 89 34.71 36.10 0.11
CA LYS A 89 36.12 36.00 -0.25
C LYS A 89 36.80 37.37 -0.30
N LYS A 90 36.11 38.36 -0.82
CA LYS A 90 36.66 39.72 -0.90
C LYS A 90 37.02 40.21 0.49
N ARG A 91 36.28 39.74 1.49
CA ARG A 91 36.58 40.18 2.85
C ARG A 91 37.47 39.21 3.60
N GLY A 92 37.97 38.22 2.87
CA GLY A 92 38.82 37.23 3.48
C GLY A 92 38.06 36.35 4.45
N MET A 93 36.76 36.24 4.28
CA MET A 93 35.96 35.38 5.18
C MET A 93 35.70 34.02 4.53
N ARG A 94 35.40 32.99 5.35
CA ARG A 94 35.11 31.62 4.86
C ARG A 94 33.63 31.20 5.13
N LEU A 95 33.08 30.34 4.29
CA LEU A 95 31.69 29.89 4.45
C LEU A 95 31.66 28.40 4.80
N MET A 96 30.87 28.05 5.81
CA MET A 96 30.65 26.67 6.20
C MET A 96 29.16 26.43 5.95
N VAL A 97 28.83 25.41 5.16
CA VAL A 97 27.43 25.11 4.86
C VAL A 97 26.96 23.96 5.71
N ASP A 98 25.64 23.76 5.78
CA ASP A 98 25.09 22.67 6.60
C ASP A 98 24.88 21.43 5.72
N VAL A 99 25.24 20.25 6.21
CA VAL A 99 25.07 19.03 5.41
C VAL A 99 24.11 18.12 6.17
N VAL A 100 22.96 17.87 5.55
CA VAL A 100 21.88 17.08 6.14
C VAL A 100 21.71 15.80 5.35
N ILE A 101 22.49 14.79 5.72
CA ILE A 101 22.42 13.56 4.98
C ILE A 101 22.04 12.32 5.81
N ASN A 102 21.36 12.57 6.92
CA ASN A 102 20.85 11.44 7.73
C ASN A 102 19.48 11.13 7.14
N HIS A 103 18.86 12.16 6.56
CA HIS A 103 17.53 12.03 5.99
C HIS A 103 17.36 13.05 4.89
N SER A 104 16.35 12.86 4.04
CA SER A 104 16.05 13.81 2.97
C SER A 104 14.57 14.17 3.10
N SER A 105 14.07 15.05 2.26
CA SER A 105 12.67 15.38 2.29
C SER A 105 11.94 14.22 1.60
N ASP A 106 10.64 14.06 1.89
CA ASP A 106 9.91 13.00 1.22
C ASP A 106 9.55 13.45 -0.20
N GLN A 107 9.84 14.70 -0.53
CA GLN A 107 9.58 15.23 -1.86
C GLN A 107 10.83 15.07 -2.78
N HIS A 108 11.96 14.65 -2.22
CA HIS A 108 13.18 14.41 -3.04
C HIS A 108 12.87 13.29 -4.06
N GLU A 109 13.32 13.45 -5.31
CA GLU A 109 13.06 12.43 -6.34
C GLU A 109 13.45 11.02 -5.90
N TRP A 110 14.55 10.87 -5.16
CA TRP A 110 14.93 9.54 -4.67
C TRP A 110 13.80 8.85 -3.91
N PHE A 111 13.14 9.57 -3.00
CA PHE A 111 12.07 8.98 -2.21
C PHE A 111 10.82 8.74 -3.06
N LYS A 112 10.53 9.67 -3.96
CA LYS A 112 9.37 9.48 -4.83
C LYS A 112 9.53 8.19 -5.63
N SER A 113 10.76 7.90 -6.03
CA SER A 113 11.02 6.67 -6.77
C SER A 113 11.00 5.50 -5.80
N SER A 114 11.73 5.67 -4.71
CA SER A 114 11.85 4.63 -3.72
C SER A 114 10.54 4.04 -3.28
N ARG A 115 9.53 4.88 -3.06
CA ARG A 115 8.26 4.39 -2.56
C ARG A 115 7.35 3.77 -3.59
N ALA A 116 7.68 3.92 -4.86
CA ALA A 116 6.81 3.39 -5.92
C ALA A 116 6.56 1.87 -5.90
N SER A 117 7.59 1.08 -5.64
CA SER A 117 7.47 -0.38 -5.63
C SER A 117 8.63 -0.99 -4.87
N LYS A 118 8.47 -2.24 -4.46
CA LYS A 118 9.55 -2.90 -3.78
C LYS A 118 10.71 -3.18 -4.75
N ASP A 119 10.42 -3.17 -6.05
CA ASP A 119 11.46 -3.46 -7.05
C ASP A 119 12.09 -2.23 -7.69
N ASN A 120 11.71 -1.05 -7.22
CA ASN A 120 12.25 0.19 -7.77
C ASN A 120 13.77 0.27 -7.43
N PRO A 121 14.58 0.73 -8.39
CA PRO A 121 16.03 0.85 -8.22
C PRO A 121 16.42 1.72 -6.99
N TYR A 122 15.50 2.56 -6.52
CA TYR A 122 15.78 3.45 -5.37
C TYR A 122 15.12 2.97 -4.06
N ARG A 123 14.59 1.76 -4.08
CA ARG A 123 13.93 1.23 -2.91
C ARG A 123 14.85 1.27 -1.71
N ASP A 124 16.08 0.79 -1.87
CA ASP A 124 17.01 0.78 -0.75
C ASP A 124 17.79 2.08 -0.48
N TYR A 125 17.32 3.21 -1.02
CA TYR A 125 17.98 4.47 -0.71
C TYR A 125 17.41 4.85 0.65
N TYR A 126 16.35 4.15 1.06
CA TYR A 126 15.70 4.38 2.35
C TYR A 126 15.48 3.06 3.09
N PHE A 127 14.83 3.11 4.24
CA PHE A 127 14.53 1.91 5.02
C PHE A 127 13.03 1.58 4.98
N TRP A 128 12.72 0.46 4.33
CA TRP A 128 11.34 0.00 4.21
C TRP A 128 11.23 -1.33 4.94
N ARG A 129 10.18 -1.50 5.76
CA ARG A 129 10.03 -2.74 6.51
C ARG A 129 8.58 -3.09 6.75
N ASP A 130 8.30 -4.38 6.87
CA ASP A 130 6.95 -4.85 7.15
C ASP A 130 6.63 -4.53 8.59
N GLY A 131 5.38 -4.17 8.85
CA GLY A 131 5.00 -3.91 10.22
C GLY A 131 5.01 -5.25 10.92
N LYS A 132 4.87 -5.22 12.25
CA LYS A 132 4.84 -6.44 13.05
C LYS A 132 3.60 -6.42 13.92
N ASP A 133 3.13 -7.60 14.30
CA ASP A 133 1.96 -7.73 15.16
C ASP A 133 0.85 -6.71 14.92
N GLY A 134 0.52 -6.43 13.66
CA GLY A 134 -0.54 -5.47 13.37
C GLY A 134 -0.17 -4.00 13.39
N HIS A 135 1.07 -3.67 13.76
CA HIS A 135 1.50 -2.27 13.80
C HIS A 135 2.92 -2.06 13.25
N GLU A 136 3.57 -0.98 13.65
CA GLU A 136 4.92 -0.61 13.20
C GLU A 136 5.96 -1.73 13.34
N PRO A 137 7.06 -1.66 12.56
CA PRO A 137 8.14 -2.65 12.60
C PRO A 137 8.72 -2.87 13.98
N ASN A 138 8.75 -1.79 14.77
CA ASN A 138 9.22 -1.87 16.14
C ASN A 138 8.78 -0.65 16.96
N ASN A 139 9.30 -0.52 18.18
CA ASN A 139 8.87 0.58 19.06
C ASN A 139 9.61 1.91 18.95
N TYR A 140 10.37 2.10 17.86
CA TYR A 140 11.13 3.34 17.66
C TYR A 140 10.27 4.61 17.67
N PRO A 141 10.60 5.58 18.53
CA PRO A 141 9.81 6.82 18.55
C PRO A 141 10.54 7.89 17.71
N SER A 142 9.78 8.90 17.27
CA SER A 142 10.33 10.02 16.52
C SER A 142 10.57 11.22 17.42
N PHE A 143 11.62 11.97 17.09
CA PHE A 143 12.01 13.19 17.78
C PHE A 143 10.86 14.20 17.76
N PHE A 144 10.10 14.18 16.67
CA PHE A 144 9.01 15.11 16.44
C PHE A 144 7.59 14.58 16.63
N GLY A 145 7.47 13.55 17.46
CA GLY A 145 6.16 13.02 17.81
C GLY A 145 5.71 11.75 17.16
N GLY A 146 5.16 10.84 17.97
CA GLY A 146 4.66 9.59 17.42
C GLY A 146 5.75 8.59 17.06
N SER A 147 5.39 7.63 16.23
CA SER A 147 6.28 6.57 15.79
C SER A 147 7.33 7.05 14.78
N ALA A 148 8.48 6.36 14.74
CA ALA A 148 9.51 6.69 13.76
C ALA A 148 9.21 5.89 12.48
N TRP A 149 8.08 5.17 12.47
CA TRP A 149 7.75 4.38 11.27
C TRP A 149 6.46 4.87 10.64
N GLU A 150 6.49 5.16 9.35
CA GLU A 150 5.30 5.67 8.67
C GLU A 150 4.87 4.68 7.57
N LYS A 151 3.60 4.27 7.62
CA LYS A 151 3.09 3.30 6.64
C LYS A 151 2.78 3.95 5.30
N ASP A 152 3.19 3.31 4.22
CA ASP A 152 2.92 3.84 2.90
C ASP A 152 1.98 2.88 2.18
N PRO A 153 0.74 3.31 1.96
CA PRO A 153 -0.25 2.47 1.28
C PRO A 153 0.14 2.05 -0.15
N VAL A 154 1.07 2.76 -0.78
CA VAL A 154 1.49 2.35 -2.12
C VAL A 154 2.10 0.95 -2.12
N THR A 155 2.72 0.53 -1.02
CA THR A 155 3.35 -0.80 -0.95
C THR A 155 3.01 -1.58 0.30
N GLY A 156 2.30 -0.95 1.24
CA GLY A 156 1.97 -1.65 2.45
C GLY A 156 3.14 -1.75 3.43
N GLN A 157 4.29 -1.18 3.09
CA GLN A 157 5.39 -1.23 4.06
C GLN A 157 5.56 0.10 4.76
N TYR A 158 6.36 0.08 5.83
CA TYR A 158 6.61 1.29 6.63
C TYR A 158 8.02 1.80 6.36
N TYR A 159 8.17 3.12 6.24
CA TYR A 159 9.50 3.70 6.08
C TYR A 159 9.92 4.41 7.39
N LEU A 160 11.22 4.41 7.64
CA LEU A 160 11.80 5.00 8.84
C LEU A 160 12.05 6.50 8.83
N HIS A 161 11.73 7.18 9.92
CA HIS A 161 12.03 8.61 10.01
C HIS A 161 12.29 8.99 11.47
N TYR A 162 13.56 9.18 11.80
CA TYR A 162 13.92 9.56 13.16
C TYR A 162 13.31 10.93 13.46
N PHE A 163 13.17 11.76 12.43
CA PHE A 163 12.59 13.08 12.61
C PHE A 163 11.18 13.18 12.01
N GLY A 164 10.91 14.27 11.34
CA GLY A 164 9.58 14.46 10.78
C GLY A 164 9.15 13.29 9.91
N ARG A 165 7.86 13.13 9.73
CA ARG A 165 7.41 12.06 8.89
C ARG A 165 7.76 12.48 7.48
N GLN A 166 8.03 13.77 7.25
CA GLN A 166 8.40 14.22 5.89
C GLN A 166 9.93 14.28 5.69
N GLN A 167 10.63 13.57 6.58
CA GLN A 167 12.09 13.45 6.56
C GLN A 167 12.54 11.98 6.67
N PRO A 168 12.27 11.17 5.64
CA PRO A 168 12.67 9.76 5.66
C PRO A 168 14.19 9.62 5.76
N ASP A 169 14.67 8.73 6.65
CA ASP A 169 16.10 8.50 6.83
C ASP A 169 16.75 7.82 5.62
N LEU A 170 17.92 8.32 5.24
CA LEU A 170 18.66 7.77 4.11
C LEU A 170 19.38 6.50 4.52
N ASN A 171 19.48 5.55 3.59
CA ASN A 171 20.06 4.25 3.87
C ASN A 171 21.54 4.12 3.52
N TRP A 172 22.38 4.44 4.53
CA TRP A 172 23.82 4.38 4.41
C TRP A 172 24.39 2.97 4.22
N ASP A 173 23.57 1.94 4.43
CA ASP A 173 24.04 0.56 4.24
C ASP A 173 24.09 0.19 2.75
N THR A 174 23.57 1.07 1.92
CA THR A 174 23.51 0.87 0.47
C THR A 174 24.66 1.67 -0.17
N PRO A 175 25.67 0.97 -0.73
CA PRO A 175 26.81 1.67 -1.37
C PRO A 175 26.44 2.72 -2.42
N LYS A 176 25.48 2.44 -3.29
CA LYS A 176 25.10 3.41 -4.31
C LYS A 176 24.60 4.72 -3.72
N LEU A 177 23.93 4.64 -2.57
CA LEU A 177 23.43 5.85 -1.92
C LEU A 177 24.61 6.61 -1.35
N ARG A 178 25.57 5.91 -0.74
CA ARG A 178 26.74 6.58 -0.19
C ARG A 178 27.49 7.29 -1.31
N GLU A 179 27.62 6.64 -2.46
CA GLU A 179 28.36 7.26 -3.53
C GLU A 179 27.63 8.50 -4.02
N GLU A 180 26.31 8.46 -4.02
CA GLU A 180 25.57 9.65 -4.47
C GLU A 180 25.79 10.81 -3.51
N LEU A 181 25.81 10.48 -2.22
CA LEU A 181 26.05 11.48 -1.19
C LEU A 181 27.45 12.08 -1.35
N TYR A 182 28.44 11.25 -1.68
CA TYR A 182 29.79 11.77 -1.84
C TYR A 182 29.87 12.69 -3.05
N ALA A 183 29.20 12.32 -4.14
CA ALA A 183 29.20 13.13 -5.35
C ALA A 183 28.48 14.47 -5.06
N MET A 184 27.44 14.44 -4.23
CA MET A 184 26.74 15.67 -3.86
C MET A 184 27.67 16.53 -3.00
N LEU A 185 28.44 15.95 -2.09
CA LEU A 185 29.33 16.80 -1.31
C LEU A 185 30.38 17.46 -2.25
N ARG A 186 30.93 16.73 -3.24
CA ARG A 186 31.91 17.35 -4.12
C ARG A 186 31.32 18.53 -4.90
N PHE A 187 30.06 18.43 -5.27
CA PHE A 187 29.40 19.50 -5.99
C PHE A 187 29.56 20.80 -5.23
N TRP A 188 29.34 20.77 -3.91
CA TRP A 188 29.49 22.01 -3.13
C TRP A 188 30.96 22.36 -2.84
N LEU A 189 31.77 21.35 -2.56
CA LEU A 189 33.18 21.57 -2.25
C LEU A 189 33.91 22.16 -3.47
N ASP A 190 33.51 21.74 -4.67
CA ASP A 190 34.10 22.23 -5.91
C ASP A 190 33.76 23.70 -6.13
N LYS A 191 32.75 24.20 -5.43
CA LYS A 191 32.38 25.59 -5.57
C LYS A 191 33.22 26.45 -4.62
N GLY A 192 34.07 25.81 -3.82
CA GLY A 192 34.94 26.54 -2.89
C GLY A 192 34.59 26.58 -1.40
N VAL A 193 33.48 25.97 -1.00
CA VAL A 193 33.04 25.93 0.39
C VAL A 193 34.22 25.57 1.32
N SER A 194 34.42 26.34 2.39
CA SER A 194 35.54 26.11 3.30
C SER A 194 35.26 25.16 4.45
N GLY A 195 33.98 24.90 4.74
CA GLY A 195 33.68 24.01 5.85
C GLY A 195 32.31 23.36 5.71
N MET A 196 32.11 22.27 6.44
CA MET A 196 30.83 21.59 6.41
C MET A 196 30.49 21.12 7.82
N ARG A 197 29.25 21.39 8.23
CA ARG A 197 28.74 21.02 9.54
C ARG A 197 27.77 19.90 9.26
N PHE A 198 28.03 18.75 9.84
CA PHE A 198 27.19 17.58 9.61
C PHE A 198 26.04 17.40 10.58
N ASP A 199 24.83 17.61 10.07
CA ASP A 199 23.61 17.47 10.85
C ASP A 199 23.44 16.03 11.42
N THR A 200 23.22 15.91 12.75
CA THR A 200 23.07 14.61 13.42
C THR A 200 23.93 13.56 12.71
N VAL A 201 25.24 13.75 12.84
CA VAL A 201 26.22 12.89 12.20
C VAL A 201 26.35 11.53 12.87
N ALA A 202 25.95 11.41 14.12
CA ALA A 202 26.06 10.14 14.84
C ALA A 202 24.94 9.13 14.58
N THR A 203 23.91 9.53 13.85
CA THR A 203 22.82 8.61 13.60
C THR A 203 22.80 7.95 12.22
N TYR A 204 23.86 8.14 11.43
CA TYR A 204 23.86 7.58 10.07
C TYR A 204 23.74 6.07 10.03
N SER A 205 24.40 5.36 10.96
CA SER A 205 24.32 3.90 10.95
C SER A 205 23.14 3.36 11.74
N LYS A 206 22.32 2.54 11.09
CA LYS A 206 21.16 1.92 11.75
C LYS A 206 21.50 0.53 12.29
N THR A 207 20.77 0.11 13.33
CA THR A 207 21.01 -1.20 13.93
C THR A 207 20.39 -2.33 13.09
N PRO A 208 21.21 -3.32 12.70
CA PRO A 208 20.73 -4.45 11.90
C PRO A 208 19.57 -5.15 12.62
N GLY A 209 18.51 -5.48 11.89
CA GLY A 209 17.40 -6.19 12.49
C GLY A 209 16.39 -5.30 13.17
N PHE A 210 16.72 -4.04 13.35
CA PHE A 210 15.79 -3.10 13.98
C PHE A 210 15.03 -3.71 15.18
N PRO A 211 15.75 -4.30 16.13
CA PRO A 211 15.01 -4.86 17.26
C PRO A 211 14.44 -3.72 18.12
N ASP A 212 13.39 -4.02 18.88
CA ASP A 212 12.75 -3.02 19.77
C ASP A 212 13.77 -2.48 20.76
N LEU A 213 13.59 -1.22 21.14
CA LEU A 213 14.47 -0.62 22.12
C LEU A 213 13.97 -1.14 23.47
N THR A 214 14.87 -1.25 24.44
CA THR A 214 14.53 -1.68 25.77
C THR A 214 13.82 -0.54 26.46
N PRO A 215 13.11 -0.81 27.56
CA PRO A 215 12.43 0.30 28.22
C PRO A 215 13.40 1.44 28.60
N GLU A 216 14.61 1.09 29.01
CA GLU A 216 15.61 2.09 29.39
C GLU A 216 16.03 2.91 28.16
N GLN A 217 16.27 2.22 27.06
CA GLN A 217 16.68 2.91 25.83
C GLN A 217 15.55 3.83 25.40
N MET A 218 14.30 3.41 25.56
CA MET A 218 13.18 4.26 25.19
C MET A 218 13.24 5.58 25.99
N LYS A 219 13.83 5.51 27.17
CA LYS A 219 13.95 6.69 28.02
C LYS A 219 14.91 7.73 27.42
N ASN A 220 15.91 7.24 26.70
CA ASN A 220 16.91 8.11 26.06
C ASN A 220 17.12 7.56 24.65
N PHE A 221 16.08 7.62 23.82
CA PHE A 221 16.21 7.04 22.50
C PHE A 221 17.24 7.73 21.64
N ALA A 222 17.44 9.03 21.85
CA ALA A 222 18.45 9.77 21.08
C ALA A 222 19.79 9.07 21.18
N GLU A 223 20.11 8.51 22.34
CA GLU A 223 21.39 7.86 22.50
C GLU A 223 21.46 6.54 21.74
N ALA A 224 20.33 5.82 21.74
CA ALA A 224 20.28 4.53 21.07
C ALA A 224 20.48 4.66 19.57
N TYR A 225 19.98 5.75 18.98
CA TYR A 225 20.16 5.94 17.55
C TYR A 225 21.59 6.32 17.14
N THR A 226 22.47 6.59 18.11
CA THR A 226 23.87 6.91 17.78
C THR A 226 24.73 5.67 17.92
N GLN A 227 24.12 4.52 18.10
CA GLN A 227 24.94 3.32 18.28
C GLN A 227 24.98 2.32 17.11
N GLY A 228 24.78 2.81 15.88
CA GLY A 228 24.84 1.90 14.73
C GLY A 228 26.22 1.26 14.63
N PRO A 229 26.32 -0.04 14.35
CA PRO A 229 27.65 -0.67 14.26
C PRO A 229 28.57 -0.27 13.10
N ASN A 230 28.04 0.39 12.08
CA ASN A 230 28.87 0.81 10.94
C ASN A 230 29.21 2.30 10.84
N LEU A 231 28.81 3.04 11.87
CA LEU A 231 29.01 4.48 11.88
C LEU A 231 30.39 4.98 11.46
N HIS A 232 31.41 4.54 12.18
CA HIS A 232 32.75 5.00 11.91
C HIS A 232 33.40 4.48 10.66
N ARG A 233 32.91 3.35 10.16
CA ARG A 233 33.42 2.81 8.91
C ARG A 233 32.87 3.79 7.87
N TYR A 234 31.60 4.20 8.02
CA TYR A 234 31.00 5.13 7.07
C TYR A 234 31.65 6.51 7.11
N LEU A 235 31.93 7.05 8.29
CA LEU A 235 32.59 8.36 8.37
C LEU A 235 34.03 8.28 7.81
N GLN A 236 34.72 7.17 8.07
CA GLN A 236 36.07 7.04 7.53
C GLN A 236 36.02 6.94 6.00
N GLU A 237 35.01 6.27 5.47
CA GLU A 237 34.89 6.14 4.02
C GLU A 237 34.64 7.53 3.39
N MET A 238 33.74 8.30 3.99
CA MET A 238 33.46 9.65 3.48
C MET A 238 34.71 10.54 3.49
N HIS A 239 35.54 10.41 4.52
CA HIS A 239 36.77 11.21 4.59
C HIS A 239 37.71 10.79 3.47
N GLU A 240 37.86 9.50 3.25
CA GLU A 240 38.77 9.02 2.23
C GLU A 240 38.29 9.35 0.80
N LYS A 241 37.00 9.24 0.57
CA LYS A 241 36.49 9.49 -0.77
C LYS A 241 36.29 10.96 -1.09
N VAL A 242 36.13 11.77 -0.07
CA VAL A 242 35.87 13.17 -0.27
C VAL A 242 36.86 14.15 0.39
N PHE A 243 36.79 14.26 1.71
CA PHE A 243 37.62 15.26 2.39
C PHE A 243 39.13 15.18 2.24
N ASP A 244 39.61 13.97 1.99
CA ASP A 244 41.03 13.78 1.73
C ASP A 244 41.46 14.59 0.50
N HIS A 245 40.53 14.89 -0.40
CA HIS A 245 40.85 15.61 -1.64
C HIS A 245 40.64 17.13 -1.61
N TYR A 246 40.20 17.66 -0.47
CA TYR A 246 39.95 19.10 -0.35
C TYR A 246 40.59 19.58 0.92
N ASP A 247 40.49 20.87 1.21
CA ASP A 247 41.05 21.35 2.46
C ASP A 247 39.95 22.01 3.30
N ALA A 248 38.75 21.45 3.22
CA ALA A 248 37.60 21.94 3.96
C ALA A 248 37.66 21.45 5.40
N VAL A 249 37.13 22.23 6.32
CA VAL A 249 37.09 21.81 7.70
C VAL A 249 35.73 21.09 7.93
N THR A 250 35.74 20.01 8.72
CA THR A 250 34.48 19.27 8.98
C THR A 250 34.11 19.35 10.46
N ALA A 251 32.82 19.62 10.72
CA ALA A 251 32.35 19.74 12.08
C ALA A 251 31.08 18.91 12.22
N GLY A 252 31.08 17.97 13.15
CA GLY A 252 29.90 17.14 13.27
C GLY A 252 28.99 17.49 14.45
N GLN A 253 27.69 17.52 14.20
CA GLN A 253 26.73 17.74 15.27
C GLN A 253 26.49 16.35 15.82
N ILE A 254 27.25 15.99 16.84
CA ILE A 254 27.16 14.68 17.49
C ILE A 254 26.02 14.70 18.51
N PHE A 255 24.78 14.68 18.04
CA PHE A 255 23.70 14.74 19.00
C PHE A 255 23.27 13.39 19.49
N GLY A 256 23.19 13.28 20.81
CA GLY A 256 22.76 12.04 21.42
C GLY A 256 23.84 11.06 21.82
N ALA A 257 25.08 11.29 21.39
CA ALA A 257 26.14 10.34 21.72
C ALA A 257 26.75 10.54 23.09
N PRO A 258 27.11 9.43 23.76
CA PRO A 258 27.72 9.51 25.09
C PRO A 258 29.04 10.24 24.86
N LEU A 259 29.41 11.10 25.78
CA LEU A 259 30.64 11.87 25.61
C LEU A 259 31.89 11.03 25.42
N ASN A 260 31.95 9.86 26.02
CA ASN A 260 33.15 9.02 25.91
C ASN A 260 33.40 8.54 24.48
N GLN A 261 32.38 8.61 23.63
CA GLN A 261 32.55 8.18 22.25
C GLN A 261 32.98 9.32 21.31
N VAL A 262 32.93 10.56 21.78
CA VAL A 262 33.31 11.68 20.91
C VAL A 262 34.73 11.55 20.31
N PRO A 263 35.72 11.09 21.10
CA PRO A 263 37.04 11.01 20.47
C PRO A 263 37.06 10.21 19.13
N LEU A 264 36.16 9.25 18.97
CA LEU A 264 36.15 8.43 17.75
C LEU A 264 35.84 9.28 16.52
N PHE A 265 35.08 10.37 16.72
CA PHE A 265 34.73 11.27 15.62
C PHE A 265 35.79 12.34 15.31
N ILE A 266 36.51 12.79 16.33
CA ILE A 266 37.43 13.89 16.13
C ILE A 266 38.92 13.69 16.25
N ASP A 267 39.36 12.55 16.76
CA ASP A 267 40.80 12.30 16.85
C ASP A 267 41.35 12.45 15.41
N SER A 268 42.22 13.41 15.18
CA SER A 268 42.72 13.63 13.83
C SER A 268 43.37 12.39 13.22
N ARG A 269 43.93 11.52 14.07
CA ARG A 269 44.57 10.29 13.59
C ARG A 269 43.57 9.30 12.96
N ARG A 270 42.32 9.36 13.38
CA ARG A 270 41.29 8.46 12.86
C ARG A 270 40.79 8.89 11.50
N LYS A 271 41.14 10.11 11.09
CA LYS A 271 40.68 10.60 9.79
C LYS A 271 39.17 10.50 9.61
N GLU A 272 38.44 11.11 10.51
CA GLU A 272 36.99 11.13 10.40
C GLU A 272 36.61 12.62 10.31
N LEU A 273 36.28 13.29 11.41
CA LEU A 273 35.93 14.70 11.33
C LEU A 273 36.98 15.57 12.05
N ASP A 274 37.02 16.87 11.74
CA ASP A 274 37.98 17.80 12.36
C ASP A 274 37.57 18.30 13.74
N MET A 275 36.28 18.61 13.89
CA MET A 275 35.87 19.09 15.20
C MET A 275 34.45 18.72 15.54
N ALA A 276 34.13 18.83 16.81
CA ALA A 276 32.83 18.42 17.29
C ALA A 276 31.93 19.44 17.99
N PHE A 277 30.65 19.40 17.66
CA PHE A 277 29.64 20.21 18.35
C PHE A 277 29.05 19.16 19.33
N THR A 278 29.24 19.31 20.66
CA THR A 278 28.61 18.37 21.60
C THR A 278 27.45 19.07 22.29
N PHE A 279 26.61 18.31 22.98
CA PHE A 279 25.46 18.91 23.63
C PHE A 279 25.38 18.70 25.11
N ASP A 280 26.46 18.17 25.68
CA ASP A 280 26.47 17.96 27.11
C ASP A 280 26.22 19.29 27.84
N LEU A 281 26.91 20.35 27.42
CA LEU A 281 26.76 21.65 28.06
C LEU A 281 25.44 22.37 27.83
N ILE A 282 25.04 22.51 26.57
N ILE A 282 25.04 22.52 26.57
CA ILE A 282 23.80 23.20 26.25
CA ILE A 282 23.80 23.22 26.28
C ILE A 282 22.55 22.48 26.79
C ILE A 282 22.55 22.48 26.78
N ARG A 283 22.65 21.16 26.98
CA ARG A 283 21.52 20.39 27.51
C ARG A 283 21.83 19.96 28.97
N TYR A 284 22.81 20.61 29.59
CA TYR A 284 23.20 20.24 30.95
C TYR A 284 22.06 20.32 31.97
N ASP A 285 21.07 21.17 31.71
CA ASP A 285 19.91 21.32 32.60
C ASP A 285 18.63 20.88 31.91
N ARG A 286 18.73 20.01 30.90
CA ARG A 286 17.49 19.57 30.25
C ARG A 286 17.19 18.13 30.67
N ALA A 287 15.92 17.83 30.95
CA ALA A 287 15.50 16.48 31.36
C ALA A 287 15.56 15.52 30.16
N LEU A 288 15.43 14.22 30.41
CA LEU A 288 15.48 13.22 29.34
C LEU A 288 14.41 13.41 28.28
N ASP A 289 13.24 13.90 28.69
CA ASP A 289 12.16 14.11 27.73
C ASP A 289 12.45 15.30 26.81
N ARG A 290 13.57 15.99 27.05
CA ARG A 290 14.00 17.13 26.24
C ARG A 290 13.15 18.40 26.36
N TRP A 291 12.15 18.40 27.24
CA TRP A 291 11.37 19.62 27.39
C TRP A 291 11.27 20.18 28.81
N HIS A 292 11.43 19.34 29.83
CA HIS A 292 11.43 19.85 31.19
C HIS A 292 12.86 20.27 31.46
N THR A 293 13.04 21.14 32.44
CA THR A 293 14.37 21.58 32.81
C THR A 293 14.65 21.10 34.22
N ILE A 294 15.91 21.02 34.58
CA ILE A 294 16.28 20.58 35.91
C ILE A 294 17.21 21.63 36.45
N PRO A 295 17.02 22.05 37.71
CA PRO A 295 17.90 23.07 38.28
C PRO A 295 19.39 22.63 38.36
N ARG A 296 20.29 23.50 37.89
CA ARG A 296 21.74 23.26 37.90
C ARG A 296 22.46 24.49 38.45
N THR A 297 23.74 24.35 38.77
CA THR A 297 24.53 25.47 39.27
C THR A 297 25.78 25.64 38.41
N LEU A 298 26.51 26.72 38.65
CA LEU A 298 27.76 26.94 37.93
C LEU A 298 28.70 25.71 38.12
N ALA A 299 28.59 25.04 39.26
CA ALA A 299 29.44 23.87 39.51
C ALA A 299 29.19 22.80 38.41
N ASP A 300 27.92 22.60 38.06
CA ASP A 300 27.55 21.64 37.02
C ASP A 300 28.04 22.13 35.65
N PHE A 301 27.95 23.44 35.44
CA PHE A 301 28.36 24.08 34.20
C PHE A 301 29.86 23.85 33.90
N ARG A 302 30.72 24.31 34.82
CA ARG A 302 32.15 24.15 34.62
C ARG A 302 32.60 22.68 34.59
N GLN A 303 31.98 21.84 35.41
CA GLN A 303 32.34 20.41 35.42
C GLN A 303 32.02 19.75 34.07
N THR A 304 30.89 20.13 33.46
CA THR A 304 30.56 19.60 32.16
C THR A 304 31.64 20.07 31.16
N ILE A 305 31.90 21.38 31.16
CA ILE A 305 32.91 21.93 30.25
C ILE A 305 34.27 21.22 30.41
N ASP A 306 34.68 20.96 31.65
CA ASP A 306 35.98 20.32 31.87
C ASP A 306 36.00 18.92 31.25
N LYS A 307 34.89 18.20 31.38
CA LYS A 307 34.77 16.85 30.83
C LYS A 307 34.84 16.90 29.30
N VAL A 308 34.14 17.86 28.72
CA VAL A 308 34.14 17.96 27.28
C VAL A 308 35.53 18.35 26.81
N ASP A 309 36.18 19.29 27.50
CA ASP A 309 37.51 19.68 27.08
C ASP A 309 38.50 18.51 27.20
N ALA A 310 38.40 17.74 28.27
CA ALA A 310 39.30 16.60 28.44
C ALA A 310 39.09 15.58 27.32
N ILE A 311 37.88 15.50 26.78
CA ILE A 311 37.61 14.54 25.71
C ILE A 311 38.34 14.85 24.41
N ALA A 312 38.70 16.11 24.15
CA ALA A 312 39.42 16.41 22.91
C ALA A 312 40.88 15.89 22.97
N GLY A 313 41.37 15.69 24.19
CA GLY A 313 42.73 15.20 24.34
C GLY A 313 43.69 15.98 23.46
N GLU A 314 44.76 15.30 23.04
CA GLU A 314 45.81 15.87 22.21
C GLU A 314 45.51 15.95 20.72
N TYR A 315 44.80 14.98 20.17
CA TYR A 315 44.57 15.03 18.73
C TYR A 315 43.16 15.43 18.33
N GLY A 316 42.28 15.68 19.29
CA GLY A 316 40.91 16.06 18.93
C GLY A 316 40.69 17.56 19.05
N TRP A 317 39.54 18.07 18.60
CA TRP A 317 39.27 19.50 18.71
C TRP A 317 37.78 19.77 18.91
N ASN A 318 37.46 20.69 19.82
CA ASN A 318 36.05 20.99 20.11
C ASN A 318 35.62 22.34 19.58
N THR A 319 34.33 22.47 19.33
CA THR A 319 33.79 23.79 19.01
C THR A 319 33.31 24.18 20.39
N PHE A 320 32.92 25.44 20.57
CA PHE A 320 32.35 25.88 21.85
C PHE A 320 31.23 26.88 21.50
N PHE A 321 30.06 26.68 22.10
CA PHE A 321 28.94 27.56 21.82
C PHE A 321 28.00 27.53 23.00
N LEU A 322 27.28 28.63 23.22
CA LEU A 322 26.32 28.71 24.31
C LEU A 322 24.93 28.76 23.69
N GLY A 323 24.89 28.95 22.39
CA GLY A 323 23.60 28.99 21.72
C GLY A 323 23.61 28.57 20.26
N ASN A 324 22.43 28.22 19.74
CA ASN A 324 22.28 27.88 18.33
C ASN A 324 20.80 27.88 17.96
N HIS A 325 20.48 27.41 16.76
CA HIS A 325 19.09 27.44 16.31
C HIS A 325 18.17 26.37 16.92
N ASP A 326 18.70 25.51 17.77
CA ASP A 326 17.90 24.42 18.36
C ASP A 326 17.73 24.55 19.88
N ASN A 327 18.18 25.67 20.43
CA ASN A 327 18.14 25.86 21.86
C ASN A 327 17.72 27.25 22.30
N PRO A 328 17.41 27.43 23.59
CA PRO A 328 16.99 28.76 24.07
C PRO A 328 18.15 29.75 24.03
N ARG A 329 17.83 31.03 24.17
CA ARG A 329 18.86 32.04 24.07
C ARG A 329 19.87 31.97 25.21
N ALA A 330 21.13 32.14 24.81
CA ALA A 330 22.24 32.09 25.74
C ALA A 330 22.07 32.94 27.01
N VAL A 331 21.77 34.23 26.86
CA VAL A 331 21.65 35.04 28.07
C VAL A 331 20.47 34.63 28.94
N SER A 332 19.37 34.16 28.35
CA SER A 332 18.23 33.72 29.14
C SER A 332 18.52 32.37 29.82
N HIS A 333 19.15 31.48 29.06
CA HIS A 333 19.49 30.12 29.52
C HIS A 333 20.57 30.08 30.60
N PHE A 334 21.70 30.71 30.31
CA PHE A 334 22.86 30.70 31.21
C PHE A 334 23.10 31.97 32.00
N GLY A 335 22.51 33.09 31.58
CA GLY A 335 22.75 34.35 32.28
C GLY A 335 21.53 34.82 33.04
N ASP A 336 21.32 36.12 33.12
CA ASP A 336 20.12 36.61 33.82
C ASP A 336 19.50 37.63 32.89
N ASP A 337 18.37 37.29 32.29
CA ASP A 337 17.79 38.22 31.34
C ASP A 337 16.83 39.28 31.84
N ARG A 338 16.82 39.52 33.15
CA ARG A 338 15.97 40.56 33.73
C ARG A 338 16.58 41.86 33.24
N PRO A 339 15.76 42.90 32.97
CA PRO A 339 16.26 44.19 32.49
C PRO A 339 17.51 44.75 33.16
N GLN A 340 17.59 44.63 34.47
CA GLN A 340 18.74 45.20 35.15
C GLN A 340 20.03 44.38 35.09
N TRP A 341 19.95 43.10 34.69
CA TRP A 341 21.15 42.24 34.61
C TRP A 341 21.47 41.66 33.22
N ARG A 342 20.59 41.86 32.26
CA ARG A 342 20.78 41.29 30.93
C ARG A 342 22.11 41.65 30.27
N GLU A 343 22.46 42.93 30.28
CA GLU A 343 23.71 43.34 29.66
C GLU A 343 24.93 42.85 30.42
N ALA A 344 24.95 43.02 31.73
CA ALA A 344 26.09 42.58 32.51
C ALA A 344 26.33 41.09 32.28
N SER A 345 25.24 40.31 32.35
CA SER A 345 25.36 38.86 32.19
C SER A 345 25.67 38.42 30.75
N ALA A 346 25.17 39.16 29.75
CA ALA A 346 25.48 38.80 28.37
C ALA A 346 26.97 39.06 28.13
N LYS A 347 27.53 40.07 28.79
CA LYS A 347 28.95 40.33 28.60
C LYS A 347 29.78 39.22 29.31
N ALA A 348 29.32 38.81 30.48
CA ALA A 348 29.98 37.74 31.23
C ALA A 348 30.05 36.48 30.35
N LEU A 349 28.92 36.10 29.77
CA LEU A 349 28.86 34.93 28.91
C LEU A 349 29.75 35.08 27.68
N ALA A 350 29.88 36.31 27.16
CA ALA A 350 30.74 36.56 26.01
C ALA A 350 32.19 36.27 26.38
N THR A 351 32.59 36.67 27.57
CA THR A 351 33.95 36.43 28.04
C THR A 351 34.22 34.93 28.14
N VAL A 352 33.24 34.20 28.64
CA VAL A 352 33.37 32.76 28.71
C VAL A 352 33.48 32.24 27.26
N THR A 353 32.50 32.55 26.41
CA THR A 353 32.52 32.09 25.04
C THR A 353 33.84 32.32 24.29
N LEU A 354 34.41 33.52 24.39
CA LEU A 354 35.63 33.79 23.64
C LEU A 354 36.97 33.44 24.32
N THR A 355 36.91 32.76 25.45
CA THR A 355 38.16 32.40 26.11
C THR A 355 38.23 30.91 26.34
N GLN A 356 37.30 30.17 25.74
CA GLN A 356 37.24 28.72 25.86
C GLN A 356 38.21 28.08 24.88
N ARG A 357 38.70 26.89 25.20
CA ARG A 357 39.61 26.22 24.31
C ARG A 357 38.76 25.51 23.25
N GLY A 358 38.98 25.83 21.99
CA GLY A 358 38.18 25.23 20.93
C GLY A 358 37.80 26.35 19.98
N THR A 359 36.98 26.07 18.99
CA THR A 359 36.58 27.08 18.02
C THR A 359 35.25 27.64 18.44
N PRO A 360 35.22 28.92 18.83
CA PRO A 360 33.90 29.43 19.24
C PRO A 360 32.94 29.78 18.09
N PHE A 361 31.66 29.53 18.33
CA PHE A 361 30.59 29.84 17.39
C PHE A 361 29.63 30.78 18.13
N ILE A 362 29.47 31.99 17.59
CA ILE A 362 28.56 32.99 18.15
C ILE A 362 27.28 32.90 17.33
N PHE A 363 26.16 32.70 18.02
CA PHE A 363 24.86 32.58 17.34
C PHE A 363 24.26 33.97 17.08
N GLN A 364 23.76 34.22 15.87
CA GLN A 364 23.23 35.53 15.52
C GLN A 364 22.32 36.14 16.58
N GLY A 365 22.63 37.36 16.94
CA GLY A 365 21.83 38.04 17.95
C GLY A 365 22.47 38.00 19.32
N ASP A 366 23.21 36.96 19.63
CA ASP A 366 23.74 36.93 20.98
C ASP A 366 24.70 38.05 21.21
N GLU A 367 25.31 38.58 20.14
CA GLU A 367 26.24 39.68 20.32
C GLU A 367 25.48 40.95 20.72
N LEU A 368 24.15 40.94 20.64
CA LEU A 368 23.36 42.11 21.03
C LEU A 368 22.72 41.93 22.41
N GLY A 369 22.70 40.69 22.86
CA GLY A 369 22.07 40.37 24.13
C GLY A 369 20.60 40.04 23.92
N MET A 370 20.25 39.52 22.74
CA MET A 370 18.88 39.13 22.48
C MET A 370 18.45 38.06 23.50
N THR A 371 17.17 38.07 23.83
CA THR A 371 16.65 37.16 24.85
C THR A 371 15.58 36.21 24.35
N ASN A 372 15.12 35.32 25.24
CA ASN A 372 14.05 34.41 24.90
C ASN A 372 12.89 35.28 24.52
N TYR A 373 11.89 34.67 23.91
CA TYR A 373 10.72 35.41 23.47
C TYR A 373 9.54 35.14 24.41
N PRO A 374 8.71 36.16 24.71
CA PRO A 374 7.56 35.99 25.60
C PRO A 374 6.33 35.34 24.96
N PHE A 375 6.42 34.03 24.75
CA PHE A 375 5.32 33.24 24.18
C PHE A 375 4.15 33.31 25.17
N LYS A 376 2.92 33.44 24.65
CA LYS A 376 1.74 33.50 25.53
C LYS A 376 0.81 32.30 25.35
N THR A 377 0.79 31.71 24.15
CA THR A 377 -0.01 30.52 23.91
C THR A 377 0.82 29.53 23.07
N LEU A 378 0.37 28.29 23.00
CA LEU A 378 1.07 27.31 22.20
C LEU A 378 0.99 27.66 20.73
N GLN A 379 0.02 28.49 20.37
CA GLN A 379 -0.11 28.87 18.97
C GLN A 379 0.97 29.85 18.50
N ASP A 380 1.73 30.39 19.44
CA ASP A 380 2.81 31.31 19.09
C ASP A 380 4.09 30.59 18.67
N PHE A 381 4.10 29.27 18.77
CA PHE A 381 5.29 28.49 18.39
C PHE A 381 5.14 27.94 16.98
N ASP A 382 6.14 28.13 16.15
CA ASP A 382 6.12 27.54 14.79
C ASP A 382 6.71 26.16 14.91
N ASP A 383 7.56 25.98 15.90
CA ASP A 383 8.26 24.72 15.99
C ASP A 383 7.53 23.39 16.00
N ILE A 384 7.96 22.53 15.07
CA ILE A 384 7.36 21.22 14.95
C ILE A 384 7.76 20.29 16.11
N GLU A 385 8.85 20.63 16.80
CA GLU A 385 9.26 19.82 17.96
C GLU A 385 8.21 20.03 19.07
N VAL A 386 7.71 21.25 19.18
CA VAL A 386 6.67 21.53 20.17
C VAL A 386 5.34 20.83 19.81
N LYS A 387 4.97 20.83 18.54
CA LYS A 387 3.74 20.16 18.13
C LYS A 387 3.90 18.71 18.50
N GLY A 388 5.12 18.21 18.31
CA GLY A 388 5.42 16.83 18.65
C GLY A 388 5.27 16.55 20.15
N PHE A 389 5.75 17.47 20.99
CA PHE A 389 5.62 17.27 22.44
C PHE A 389 4.10 17.30 22.82
N PHE A 390 3.34 18.10 22.09
CA PHE A 390 1.89 18.20 22.36
C PHE A 390 1.28 16.84 22.05
N GLN A 391 1.65 16.30 20.90
CA GLN A 391 1.12 15.01 20.52
C GLN A 391 1.52 13.90 21.51
N ASP A 392 2.78 13.90 21.93
CA ASP A 392 3.27 12.84 22.79
C ASP A 392 2.98 13.03 24.29
N TYR A 393 2.75 14.26 24.75
CA TYR A 393 2.55 14.42 26.19
C TYR A 393 1.23 15.01 26.63
N VAL A 394 0.62 15.81 25.76
CA VAL A 394 -0.66 16.42 26.11
C VAL A 394 -1.78 15.49 25.66
N GLU A 395 -1.87 15.22 24.36
CA GLU A 395 -2.90 14.33 23.84
C GLU A 395 -2.95 12.98 24.59
N THR A 396 -1.80 12.54 25.10
CA THR A 396 -1.77 11.29 25.81
C THR A 396 -2.13 11.50 27.28
N GLY A 397 -2.43 12.72 27.67
CA GLY A 397 -2.76 12.94 29.07
C GLY A 397 -1.60 12.91 30.08
N LYS A 398 -0.35 12.87 29.63
CA LYS A 398 0.74 12.88 30.60
C LYS A 398 0.96 14.28 31.16
N ALA A 399 0.49 15.30 30.45
CA ALA A 399 0.67 16.69 30.91
C ALA A 399 -0.42 17.57 30.31
N THR A 400 -0.70 18.70 30.96
CA THR A 400 -1.71 19.60 30.42
C THR A 400 -1.07 20.58 29.43
N ALA A 401 -1.90 21.26 28.65
CA ALA A 401 -1.39 22.24 27.69
C ALA A 401 -0.62 23.31 28.48
N GLU A 402 -1.12 23.67 29.67
CA GLU A 402 -0.46 24.69 30.47
C GLU A 402 0.93 24.29 30.94
N GLU A 403 1.04 23.07 31.44
CA GLU A 403 2.34 22.54 31.87
C GLU A 403 3.30 22.53 30.67
N LEU A 404 2.81 22.14 29.49
CA LEU A 404 3.68 22.13 28.30
C LEU A 404 4.18 23.54 28.00
N LEU A 405 3.25 24.48 27.92
CA LEU A 405 3.57 25.88 27.66
C LEU A 405 4.59 26.45 28.65
N THR A 406 4.31 26.29 29.93
CA THR A 406 5.20 26.78 30.98
C THR A 406 6.66 26.36 30.78
N ASN A 407 6.83 25.14 30.32
CA ASN A 407 8.13 24.56 30.10
C ASN A 407 8.77 24.84 28.77
N VAL A 408 8.04 24.58 27.69
N VAL A 408 8.06 24.57 27.67
CA VAL A 408 8.61 24.82 26.37
CA VAL A 408 8.65 24.83 26.38
C VAL A 408 8.89 26.30 26.14
C VAL A 408 8.93 26.31 26.15
N ALA A 409 8.25 27.18 26.90
CA ALA A 409 8.53 28.60 26.74
C ALA A 409 10.01 28.83 27.08
N LEU A 410 10.58 27.98 27.93
CA LEU A 410 11.96 28.12 28.34
C LEU A 410 12.94 27.30 27.52
N THR A 411 12.46 26.28 26.82
CA THR A 411 13.36 25.43 26.05
C THR A 411 13.18 25.44 24.53
N SER A 412 12.02 25.88 24.03
CA SER A 412 11.76 25.83 22.60
C SER A 412 12.84 26.49 21.75
N ARG A 413 13.24 25.84 20.66
CA ARG A 413 14.24 26.40 19.80
C ARG A 413 13.72 27.67 19.12
N ASP A 414 12.40 27.87 19.15
CA ASP A 414 11.87 29.08 18.53
C ASP A 414 12.38 30.31 19.25
N ASN A 415 12.86 30.14 20.48
CA ASN A 415 13.40 31.30 21.20
C ASN A 415 14.59 31.83 20.41
N ALA A 416 15.25 30.95 19.66
CA ALA A 416 16.44 31.41 18.93
C ALA A 416 16.14 31.85 17.52
N ARG A 417 14.90 31.67 17.08
CA ARG A 417 14.56 31.97 15.70
C ARG A 417 13.79 33.24 15.44
N THR A 418 13.52 34.04 16.47
CA THR A 418 12.77 35.27 16.22
C THR A 418 13.72 36.14 15.40
N PRO A 419 13.19 36.96 14.49
CA PRO A 419 14.09 37.79 13.68
C PRO A 419 15.21 38.57 14.37
N PHE A 420 16.37 38.63 13.70
CA PHE A 420 17.52 39.40 14.20
C PHE A 420 17.07 40.88 14.36
N GLN A 421 17.53 41.54 15.41
CA GLN A 421 17.10 42.91 15.67
C GLN A 421 18.13 43.93 15.20
N TRP A 422 17.94 44.40 13.96
CA TRP A 422 18.84 45.39 13.38
C TRP A 422 18.70 46.82 13.91
N ASP A 423 17.48 47.30 14.11
CA ASP A 423 17.29 48.67 14.59
C ASP A 423 15.88 48.79 15.19
N ASP A 424 15.38 50.03 15.34
CA ASP A 424 14.04 50.15 15.89
C ASP A 424 12.96 50.60 14.90
N SER A 425 13.16 50.31 13.63
CA SER A 425 12.14 50.62 12.64
C SER A 425 11.15 49.44 12.77
N ALA A 426 10.14 49.39 11.91
CA ALA A 426 9.15 48.31 11.95
C ALA A 426 9.84 46.93 11.89
N ASN A 427 9.38 46.04 12.78
CA ASN A 427 9.90 44.69 12.91
C ASN A 427 11.43 44.69 12.96
N ALA A 428 11.94 45.63 13.77
CA ALA A 428 13.35 45.83 14.01
C ALA A 428 14.25 45.80 12.76
N GLY A 429 13.72 46.27 11.62
CA GLY A 429 14.52 46.33 10.40
C GLY A 429 14.79 45.01 9.74
N PHE A 430 14.17 43.94 10.23
CA PHE A 430 14.37 42.65 9.65
C PHE A 430 13.62 42.48 8.32
N THR A 431 12.47 43.13 8.20
CA THR A 431 11.66 43.00 6.99
C THR A 431 10.72 44.20 6.83
N THR A 432 10.25 44.42 5.61
CA THR A 432 9.31 45.51 5.36
C THR A 432 7.92 44.89 5.28
N GLY A 433 7.85 43.58 5.42
CA GLY A 433 6.58 42.91 5.38
C GLY A 433 6.26 42.37 6.77
N LYS A 434 5.69 41.18 6.80
CA LYS A 434 5.33 40.53 8.05
C LYS A 434 6.30 39.38 8.32
N PRO A 435 7.07 39.45 9.42
CA PRO A 435 8.03 38.39 9.75
C PRO A 435 7.35 37.03 9.89
N TRP A 436 8.01 35.98 9.40
CA TRP A 436 7.45 34.65 9.46
C TRP A 436 7.21 34.22 10.94
N LEU A 437 8.00 34.78 11.84
CA LEU A 437 7.86 34.53 13.27
C LEU A 437 7.97 35.91 13.91
N LYS A 438 7.07 36.23 14.85
CA LYS A 438 7.04 37.53 15.54
C LYS A 438 8.38 38.02 16.14
N VAL A 439 8.69 39.29 15.92
CA VAL A 439 9.90 39.90 16.44
C VAL A 439 9.67 40.12 17.92
N ASN A 440 10.72 40.06 18.72
CA ASN A 440 10.57 40.24 20.15
C ASN A 440 10.27 41.72 20.38
N PRO A 441 9.32 42.04 21.28
CA PRO A 441 9.04 43.47 21.50
C PRO A 441 10.24 44.21 22.07
N ASN A 442 11.17 43.52 22.72
CA ASN A 442 12.30 44.24 23.30
C ASN A 442 13.33 44.75 22.26
N TYR A 443 12.93 44.74 20.99
CA TYR A 443 13.84 45.21 19.95
C TYR A 443 14.03 46.74 20.10
N THR A 444 13.08 47.40 20.76
CA THR A 444 13.15 48.85 20.97
C THR A 444 14.39 49.20 21.80
N GLU A 445 14.78 48.33 22.71
CA GLU A 445 15.94 48.58 23.54
C GLU A 445 17.13 47.72 23.10
N ILE A 446 16.89 46.61 22.42
CA ILE A 446 17.98 45.71 22.05
C ILE A 446 18.03 45.63 20.52
N ASN A 447 18.97 46.35 19.90
CA ASN A 447 19.08 46.32 18.44
C ASN A 447 20.50 46.72 17.99
N ALA A 448 20.89 46.29 16.81
CA ALA A 448 22.25 46.56 16.34
C ALA A 448 22.59 48.06 16.20
N ALA A 449 21.70 48.80 15.55
CA ALA A 449 21.96 50.22 15.35
C ALA A 449 22.22 50.95 16.67
N ARG A 450 21.53 50.54 17.73
CA ARG A 450 21.71 51.20 19.01
C ARG A 450 23.00 50.82 19.71
N GLU A 451 23.46 49.60 19.49
CA GLU A 451 24.68 49.17 20.17
C GLU A 451 25.98 49.46 19.42
N ILE A 452 25.93 49.44 18.10
CA ILE A 452 27.12 49.65 17.31
C ILE A 452 27.95 50.89 17.64
N GLY A 453 27.32 52.03 17.91
CA GLY A 453 28.10 53.23 18.21
C GLY A 453 28.45 53.44 19.67
N ASP A 454 27.83 52.64 20.53
CA ASP A 454 28.04 52.78 21.94
C ASP A 454 29.11 51.84 22.47
N PRO A 455 30.25 52.42 22.90
CA PRO A 455 31.44 51.76 23.45
C PRO A 455 31.13 50.83 24.61
N LYS A 456 30.00 51.05 25.27
CA LYS A 456 29.64 50.24 26.44
C LYS A 456 28.60 49.15 26.13
N SER A 457 28.17 49.04 24.88
CA SER A 457 27.15 48.06 24.54
C SER A 457 27.66 46.60 24.63
N VAL A 458 26.73 45.65 24.54
CA VAL A 458 27.12 44.23 24.59
C VAL A 458 27.91 43.93 23.28
N TYR A 459 27.44 44.50 22.17
CA TYR A 459 28.12 44.32 20.89
C TYR A 459 29.61 44.72 20.93
N SER A 460 29.88 45.90 21.51
CA SER A 460 31.22 46.43 21.55
C SER A 460 32.10 45.54 22.41
N PHE A 461 31.51 44.98 23.45
CA PHE A 461 32.27 44.12 24.33
C PHE A 461 32.66 42.83 23.56
N TYR A 462 31.74 42.30 22.76
CA TYR A 462 32.01 41.10 21.95
C TYR A 462 33.11 41.44 20.95
N ARG A 463 32.96 42.59 20.30
CA ARG A 463 33.92 43.03 19.30
C ARG A 463 35.31 43.14 19.90
N ASN A 464 35.40 43.74 21.09
CA ASN A 464 36.67 43.89 21.79
C ASN A 464 37.24 42.52 22.18
N LEU A 465 36.37 41.60 22.65
CA LEU A 465 36.80 40.25 23.06
C LEU A 465 37.36 39.51 21.84
N ILE A 466 36.64 39.54 20.73
CA ILE A 466 37.12 38.89 19.53
C ILE A 466 38.54 39.42 19.15
N SER A 467 38.74 40.73 19.24
CA SER A 467 40.05 41.32 18.92
C SER A 467 41.11 40.78 19.84
N ILE A 468 40.80 40.73 21.13
CA ILE A 468 41.75 40.22 22.11
C ILE A 468 42.09 38.77 21.86
N ARG A 469 41.09 37.96 21.55
CA ARG A 469 41.36 36.55 21.30
C ARG A 469 42.25 36.43 20.07
N HIS A 470 41.93 37.16 19.00
CA HIS A 470 42.69 37.13 17.78
C HIS A 470 44.18 37.47 18.01
N GLU A 471 44.48 38.31 19.01
CA GLU A 471 45.88 38.69 19.25
C GLU A 471 46.55 37.90 20.36
N THR A 472 45.82 36.96 20.96
CA THR A 472 46.38 36.19 22.05
C THR A 472 46.27 34.70 21.76
N PRO A 473 47.33 34.10 21.18
CA PRO A 473 47.31 32.69 20.84
C PRO A 473 46.86 31.78 21.96
N ALA A 474 47.28 32.07 23.19
CA ALA A 474 46.91 31.22 24.32
C ALA A 474 45.39 31.08 24.48
N LEU A 475 44.66 32.11 24.08
CA LEU A 475 43.21 32.07 24.23
C LEU A 475 42.45 31.24 23.21
N SER A 476 43.13 30.79 22.16
CA SER A 476 42.44 29.91 21.21
C SER A 476 43.03 28.50 21.37
N THR A 477 44.32 28.36 21.12
CA THR A 477 44.97 27.06 21.17
C THR A 477 45.74 26.69 22.46
N GLY A 478 45.68 27.55 23.48
CA GLY A 478 46.38 27.26 24.72
C GLY A 478 45.71 26.17 25.53
N SER A 479 46.44 25.65 26.51
CA SER A 479 45.91 24.61 27.40
C SER A 479 44.78 25.24 28.23
N TYR A 480 43.95 24.42 28.86
CA TYR A 480 42.88 24.93 29.68
C TYR A 480 42.86 24.26 31.03
N ARG A 481 42.63 25.05 32.06
CA ARG A 481 42.53 24.48 33.39
C ARG A 481 41.55 25.21 34.30
N ASP A 482 40.56 24.45 34.78
CA ASP A 482 39.57 24.98 35.71
C ASP A 482 40.30 25.07 37.07
N ILE A 483 40.29 26.22 37.72
CA ILE A 483 40.95 26.36 39.00
C ILE A 483 40.17 25.72 40.15
N ASP A 484 38.85 25.61 40.03
CA ASP A 484 38.07 25.05 41.13
C ASP A 484 36.72 24.52 40.66
N PRO A 485 36.74 23.29 40.12
CA PRO A 485 35.53 22.64 39.62
C PRO A 485 34.35 22.65 40.58
N SER A 486 34.60 22.81 41.87
CA SER A 486 33.49 22.76 42.82
C SER A 486 32.89 24.11 43.20
N ASN A 487 33.55 25.20 42.86
CA ASN A 487 33.03 26.52 43.19
C ASN A 487 31.79 26.85 42.32
N ALA A 488 30.68 27.24 42.95
CA ALA A 488 29.43 27.50 42.23
C ALA A 488 29.05 28.98 42.16
N ASP A 489 30.02 29.83 42.47
CA ASP A 489 29.83 31.27 42.44
C ASP A 489 30.66 31.98 41.36
N VAL A 490 31.96 31.66 41.31
CA VAL A 490 32.88 32.30 40.38
C VAL A 490 33.66 31.30 39.50
N TYR A 491 33.53 31.49 38.19
CA TYR A 491 34.20 30.62 37.22
C TYR A 491 35.58 31.19 36.94
N ALA A 492 36.62 30.46 37.35
CA ALA A 492 37.99 30.92 37.14
C ALA A 492 38.83 29.84 36.47
N TYR A 493 39.59 30.21 35.45
CA TYR A 493 40.41 29.24 34.75
C TYR A 493 41.57 29.92 34.08
N THR A 494 42.55 29.11 33.68
CA THR A 494 43.72 29.62 32.99
C THR A 494 43.80 29.03 31.59
N ARG A 495 44.43 29.78 30.70
CA ARG A 495 44.69 29.36 29.34
C ARG A 495 46.20 29.63 29.24
N SER A 496 46.98 28.68 28.69
CA SER A 496 48.44 28.85 28.58
C SER A 496 49.03 28.36 27.28
N GLN A 497 50.11 29.03 26.89
CA GLN A 497 50.80 28.64 25.68
C GLN A 497 52.16 29.31 25.62
N ASP A 498 53.19 28.49 25.40
CA ASP A 498 54.53 29.02 25.27
C ASP A 498 54.92 29.93 26.44
N GLY A 499 54.74 29.45 27.66
CA GLY A 499 55.11 30.25 28.82
C GLY A 499 54.24 31.46 29.12
N GLU A 500 53.19 31.69 28.33
CA GLU A 500 52.32 32.82 28.56
C GLU A 500 51.09 32.24 29.25
N THR A 501 50.64 32.87 30.33
CA THR A 501 49.47 32.39 31.03
C THR A 501 48.45 33.50 31.28
N TYR A 502 47.18 33.17 31.03
CA TYR A 502 46.08 34.11 31.20
C TYR A 502 45.08 33.56 32.18
N LEU A 503 44.47 34.45 32.93
CA LEU A 503 43.47 34.11 33.92
C LEU A 503 42.13 34.69 33.51
N VAL A 504 41.09 33.87 33.56
CA VAL A 504 39.77 34.33 33.23
C VAL A 504 38.96 34.19 34.49
N VAL A 505 38.27 35.25 34.91
CA VAL A 505 37.45 35.20 36.12
C VAL A 505 36.10 35.84 35.83
N VAL A 506 35.03 35.05 36.04
CA VAL A 506 33.65 35.48 35.77
C VAL A 506 32.70 35.22 36.95
N ASN A 507 32.16 36.29 37.55
CA ASN A 507 31.21 36.14 38.67
C ASN A 507 29.84 35.75 38.07
N PHE A 508 29.28 34.59 38.43
CA PHE A 508 27.96 34.19 37.88
C PHE A 508 26.81 34.53 38.84
N LYS A 509 27.12 35.24 39.93
CA LYS A 509 26.11 35.64 40.93
C LYS A 509 25.77 37.13 40.79
N ALA A 510 24.51 37.48 41.03
CA ALA A 510 24.08 38.87 40.96
C ALA A 510 24.38 39.54 42.30
N GLU A 511 25.56 39.22 42.83
CA GLU A 511 26.05 39.74 44.11
C GLU A 511 27.58 39.81 44.12
N PRO A 512 28.14 40.65 44.98
CA PRO A 512 29.59 40.79 45.04
C PRO A 512 30.20 39.51 45.54
N ARG A 513 31.33 39.16 44.99
CA ARG A 513 32.00 37.95 45.41
C ARG A 513 33.48 38.24 45.40
N SER A 514 34.28 37.39 46.02
CA SER A 514 35.71 37.58 46.02
C SER A 514 36.37 36.38 45.37
N PHE A 515 37.56 36.56 44.85
CA PHE A 515 38.30 35.47 44.24
C PHE A 515 39.78 35.53 44.61
N THR A 516 40.28 34.48 45.22
CA THR A 516 41.69 34.47 45.59
C THR A 516 42.44 33.67 44.54
N LEU A 517 43.47 34.24 43.92
CA LEU A 517 44.21 33.49 42.91
C LEU A 517 45.02 32.35 43.51
N PRO A 518 45.31 31.32 42.70
CA PRO A 518 46.10 30.16 43.15
C PRO A 518 47.37 30.70 43.82
N ASP A 519 47.80 30.11 44.93
CA ASP A 519 48.99 30.66 45.59
C ASP A 519 50.18 30.57 44.65
N GLY A 520 50.90 31.67 44.52
CA GLY A 520 52.04 31.75 43.64
C GLY A 520 51.70 32.54 42.39
N MET A 521 50.41 32.76 42.17
CA MET A 521 49.97 33.50 40.99
C MET A 521 49.59 34.93 41.35
N HIS A 522 49.97 35.86 40.49
CA HIS A 522 49.68 37.27 40.70
C HIS A 522 49.28 37.92 39.38
N ILE A 523 48.40 38.91 39.44
CA ILE A 523 47.99 39.61 38.23
C ILE A 523 49.18 40.35 37.67
N ALA A 524 49.31 40.37 36.35
CA ALA A 524 50.40 41.10 35.72
C ALA A 524 49.81 42.29 34.94
N GLU A 525 48.70 42.05 34.27
CA GLU A 525 48.04 43.09 33.48
C GLU A 525 46.56 42.73 33.38
N THR A 526 45.74 43.72 33.06
CA THR A 526 44.32 43.50 32.89
C THR A 526 44.06 43.76 31.43
N LEU A 527 43.59 42.73 30.72
CA LEU A 527 43.30 42.87 29.30
C LEU A 527 41.93 43.47 29.09
N ILE A 528 40.97 43.02 29.88
CA ILE A 528 39.62 43.55 29.78
C ILE A 528 38.74 43.08 30.92
N GLU A 529 37.73 43.88 31.25
CA GLU A 529 36.75 43.54 32.28
C GLU A 529 35.41 44.10 31.84
N SER A 530 34.33 43.47 32.30
CA SER A 530 33.01 44.01 32.02
C SER A 530 32.41 44.22 33.40
N SER A 531 31.60 45.26 33.53
N SER A 531 31.59 45.27 33.53
CA SER A 531 30.93 45.53 34.79
CA SER A 531 30.91 45.60 34.78
C SER A 531 31.90 45.70 35.97
C SER A 531 31.87 45.78 35.97
N SER A 532 33.09 46.24 35.70
CA SER A 532 34.09 46.47 36.76
C SER A 532 34.38 47.96 36.95
N PRO A 533 34.51 48.42 38.21
CA PRO A 533 34.79 49.84 38.49
C PRO A 533 36.27 50.22 38.41
N ALA A 534 37.14 49.22 38.56
CA ALA A 534 38.59 49.44 38.51
C ALA A 534 39.34 48.10 38.38
N ALA A 535 40.38 48.11 37.57
CA ALA A 535 41.17 46.91 37.37
C ALA A 535 42.00 46.64 38.62
N PRO A 536 42.45 45.40 38.79
CA PRO A 536 43.25 45.10 39.98
C PRO A 536 44.63 45.73 39.84
N ALA A 537 45.33 45.81 40.97
CA ALA A 537 46.68 46.36 41.04
C ALA A 537 47.67 45.33 40.53
N ALA A 538 48.70 45.77 39.82
CA ALA A 538 49.69 44.81 39.33
C ALA A 538 50.23 44.12 40.54
N GLY A 539 50.23 42.79 40.50
CA GLY A 539 50.72 42.04 41.63
C GLY A 539 49.61 41.57 42.54
N ALA A 540 48.38 41.92 42.22
CA ALA A 540 47.25 41.51 43.04
C ALA A 540 47.23 40.00 43.18
N ALA A 541 46.92 39.54 44.38
CA ALA A 541 46.86 38.11 44.64
C ALA A 541 45.41 37.67 44.80
N SER A 542 44.48 38.61 44.72
CA SER A 542 43.06 38.30 44.83
C SER A 542 42.23 39.36 44.13
N LEU A 543 40.96 39.09 43.91
CA LEU A 543 40.10 40.03 43.21
C LEU A 543 38.76 40.25 43.89
N GLU A 544 38.31 41.50 43.87
CA GLU A 544 37.02 41.84 44.42
C GLU A 544 36.16 41.90 43.19
N LEU A 545 35.02 41.23 43.22
CA LEU A 545 34.15 41.21 42.04
C LEU A 545 32.74 41.76 42.24
N GLN A 546 32.33 42.59 41.29
CA GLN A 546 30.98 43.16 41.25
C GLN A 546 30.05 42.09 40.68
N PRO A 547 28.74 42.25 40.90
CA PRO A 547 27.76 41.30 40.38
C PRO A 547 27.99 41.08 38.86
N TRP A 548 28.03 39.82 38.43
CA TRP A 548 28.22 39.49 37.02
C TRP A 548 29.49 40.05 36.33
N GLN A 549 30.50 40.41 37.11
CA GLN A 549 31.75 40.95 36.57
C GLN A 549 32.56 39.86 35.85
N SER A 550 33.18 40.22 34.74
CA SER A 550 34.03 39.26 34.02
C SER A 550 35.34 40.00 33.72
N GLY A 551 36.43 39.23 33.61
CA GLY A 551 37.72 39.82 33.33
C GLY A 551 38.73 38.82 32.77
N ILE A 552 39.64 39.33 31.93
CA ILE A 552 40.70 38.50 31.37
C ILE A 552 42.00 39.17 31.80
N TYR A 553 42.89 38.40 32.41
CA TYR A 553 44.16 38.94 32.89
C TYR A 553 45.34 38.07 32.53
N LYS A 554 46.49 38.71 32.36
CA LYS A 554 47.74 38.03 32.08
C LYS A 554 48.32 37.96 33.47
N VAL A 555 48.76 36.77 33.89
CA VAL A 555 49.29 36.61 35.21
C VAL A 555 50.78 36.34 35.15
N LYS A 556 51.38 36.29 36.33
CA LYS A 556 52.81 36.01 36.50
C LYS A 556 52.95 35.20 37.78
N PRO B 1 -24.72 -41.52 -43.69
CA PRO B 1 -23.79 -40.99 -42.66
C PRO B 1 -24.51 -40.83 -41.34
N GLY B 2 -23.90 -41.32 -40.27
CA GLY B 2 -24.49 -41.23 -38.95
C GLY B 2 -24.10 -39.95 -38.25
N ALA B 3 -24.97 -39.45 -37.39
CA ALA B 3 -24.66 -38.23 -36.66
C ALA B 3 -23.76 -38.67 -35.51
N PRO B 4 -22.81 -37.83 -35.11
CA PRO B 4 -21.87 -38.15 -34.01
C PRO B 4 -22.62 -38.54 -32.73
N TRP B 5 -21.97 -39.33 -31.88
CA TRP B 5 -22.59 -39.77 -30.64
C TRP B 5 -23.05 -38.61 -29.76
N TRP B 6 -22.29 -37.51 -29.75
CA TRP B 6 -22.65 -36.37 -28.90
C TRP B 6 -23.91 -35.63 -29.31
N LYS B 7 -24.31 -35.75 -30.57
CA LYS B 7 -25.55 -35.09 -31.01
C LYS B 7 -26.74 -35.89 -30.54
N SER B 8 -26.60 -37.18 -30.31
CA SER B 8 -27.80 -37.88 -29.86
C SER B 8 -27.69 -38.33 -28.40
N ALA B 9 -26.66 -37.88 -27.69
CA ALA B 9 -26.49 -38.27 -26.29
C ALA B 9 -27.28 -37.39 -25.30
N VAL B 10 -27.53 -37.90 -24.11
CA VAL B 10 -28.23 -37.14 -23.06
C VAL B 10 -27.13 -37.03 -22.00
N PHE B 11 -26.75 -35.80 -21.69
CA PHE B 11 -25.70 -35.52 -20.69
C PHE B 11 -26.33 -35.18 -19.35
N TYR B 12 -25.54 -35.35 -18.29
CA TYR B 12 -25.98 -35.05 -16.94
C TYR B 12 -24.84 -34.27 -16.34
N GLN B 13 -25.13 -33.13 -15.73
CA GLN B 13 -24.09 -32.33 -15.12
C GLN B 13 -23.97 -32.62 -13.61
N VAL B 14 -22.78 -33.03 -13.20
CA VAL B 14 -22.50 -33.32 -11.82
C VAL B 14 -21.58 -32.26 -11.23
N TYR B 15 -22.04 -31.59 -10.18
CA TYR B 15 -21.22 -30.57 -9.48
C TYR B 15 -20.68 -31.44 -8.32
N PRO B 16 -19.45 -31.98 -8.45
CA PRO B 16 -18.88 -32.85 -7.40
C PRO B 16 -19.00 -32.43 -5.96
N ARG B 17 -18.74 -31.16 -5.73
CA ARG B 17 -18.80 -30.60 -4.39
C ARG B 17 -20.14 -30.88 -3.70
N SER B 18 -21.22 -30.97 -4.48
CA SER B 18 -22.52 -31.14 -3.86
C SER B 18 -23.28 -32.38 -4.29
N PHE B 19 -22.57 -33.38 -4.82
CA PHE B 19 -23.25 -34.56 -5.29
C PHE B 19 -23.29 -35.67 -4.24
N LYS B 20 -22.14 -36.17 -3.80
N LYS B 20 -22.14 -36.16 -3.80
CA LYS B 20 -22.11 -37.21 -2.77
CA LYS B 20 -22.12 -37.20 -2.77
C LYS B 20 -20.80 -37.21 -1.98
C LYS B 20 -20.80 -37.22 -1.99
N ASP B 21 -20.91 -36.98 -0.68
CA ASP B 21 -19.73 -36.98 0.20
C ASP B 21 -19.58 -38.41 0.76
N THR B 22 -18.36 -38.96 0.73
CA THR B 22 -18.17 -40.29 1.27
C THR B 22 -17.20 -40.37 2.46
N ASN B 23 -16.71 -39.23 2.94
CA ASN B 23 -15.81 -39.29 4.11
C ASN B 23 -16.22 -38.28 5.17
N GLY B 24 -17.48 -37.87 5.13
CA GLY B 24 -18.03 -36.94 6.13
C GLY B 24 -17.45 -35.56 6.38
N ASP B 25 -16.66 -35.02 5.45
CA ASP B 25 -16.10 -33.69 5.63
C ASP B 25 -17.10 -32.67 5.10
N GLY B 26 -18.25 -33.16 4.67
CA GLY B 26 -19.27 -32.24 4.17
C GLY B 26 -19.14 -31.80 2.72
N ILE B 27 -18.16 -32.34 1.99
CA ILE B 27 -17.97 -31.97 0.59
C ILE B 27 -18.04 -33.24 -0.27
N GLY B 28 -18.75 -33.16 -1.41
CA GLY B 28 -18.85 -34.33 -2.28
C GLY B 28 -17.50 -34.69 -2.83
N ASP B 29 -17.32 -35.92 -3.27
CA ASP B 29 -16.02 -36.33 -3.77
C ASP B 29 -16.10 -37.37 -4.90
N PHE B 30 -14.94 -37.75 -5.44
CA PHE B 30 -14.90 -38.73 -6.54
C PHE B 30 -15.48 -40.07 -6.15
N LYS B 31 -15.17 -40.52 -4.93
CA LYS B 31 -15.70 -41.80 -4.46
C LYS B 31 -17.22 -41.73 -4.43
N GLY B 32 -17.76 -40.58 -4.03
CA GLY B 32 -19.20 -40.44 -3.99
C GLY B 32 -19.80 -40.54 -5.38
N LEU B 33 -19.22 -39.83 -6.34
CA LEU B 33 -19.77 -39.89 -7.71
C LEU B 33 -19.65 -41.30 -8.26
N THR B 34 -18.52 -41.95 -8.03
CA THR B 34 -18.31 -43.31 -8.54
C THR B 34 -19.36 -44.28 -7.96
N GLU B 35 -19.69 -44.10 -6.68
CA GLU B 35 -20.69 -44.95 -6.02
C GLU B 35 -22.03 -44.81 -6.68
N LYS B 36 -22.25 -43.67 -7.32
CA LYS B 36 -23.55 -43.43 -7.91
C LYS B 36 -23.65 -43.60 -9.41
N LEU B 37 -22.69 -44.30 -10.01
CA LEU B 37 -22.77 -44.47 -11.44
C LEU B 37 -23.98 -45.32 -11.86
N ASP B 38 -24.35 -46.33 -11.06
CA ASP B 38 -25.51 -47.13 -11.43
C ASP B 38 -26.77 -46.30 -11.38
N TYR B 39 -26.81 -45.31 -10.52
CA TYR B 39 -27.99 -44.47 -10.43
C TYR B 39 -28.07 -43.70 -11.75
N LEU B 40 -26.96 -43.07 -12.13
CA LEU B 40 -26.98 -42.31 -13.38
C LEU B 40 -27.21 -43.22 -14.56
N LYS B 41 -26.54 -44.38 -14.57
CA LYS B 41 -26.76 -45.30 -15.69
C LYS B 41 -28.25 -45.70 -15.78
N GLY B 42 -28.88 -45.99 -14.64
CA GLY B 42 -30.29 -46.38 -14.66
C GLY B 42 -31.23 -45.29 -15.15
N LEU B 43 -30.85 -44.03 -14.89
CA LEU B 43 -31.65 -42.90 -15.36
C LEU B 43 -31.59 -42.92 -16.89
N GLY B 44 -30.47 -43.38 -17.42
CA GLY B 44 -30.32 -43.46 -18.87
C GLY B 44 -29.30 -42.45 -19.39
N ILE B 45 -28.44 -41.96 -18.50
CA ILE B 45 -27.42 -40.99 -18.85
C ILE B 45 -26.31 -41.57 -19.71
N ASP B 46 -25.97 -40.89 -20.82
CA ASP B 46 -24.90 -41.34 -21.72
C ASP B 46 -23.56 -40.76 -21.36
N ALA B 47 -23.56 -39.52 -20.89
CA ALA B 47 -22.31 -38.84 -20.55
C ALA B 47 -22.49 -37.89 -19.40
N ILE B 48 -21.40 -37.67 -18.66
N ILE B 48 -21.41 -37.66 -18.67
CA ILE B 48 -21.40 -36.79 -17.51
CA ILE B 48 -21.44 -36.76 -17.51
C ILE B 48 -20.41 -35.63 -17.67
C ILE B 48 -20.42 -35.64 -17.68
N TRP B 49 -20.85 -34.42 -17.36
CA TRP B 49 -19.93 -33.29 -17.40
C TRP B 49 -19.74 -32.93 -15.93
N ILE B 50 -18.50 -33.02 -15.45
CA ILE B 50 -18.23 -32.66 -14.07
C ILE B 50 -17.58 -31.30 -14.02
N ASN B 51 -17.93 -30.53 -12.99
CA ASN B 51 -17.33 -29.22 -12.84
C ASN B 51 -15.87 -29.40 -12.42
N PRO B 52 -15.05 -28.33 -12.50
CA PRO B 52 -13.63 -28.41 -12.17
C PRO B 52 -13.23 -29.34 -11.02
N HIS B 53 -12.29 -30.24 -11.33
CA HIS B 53 -11.82 -31.25 -10.38
C HIS B 53 -10.33 -31.20 -10.13
N TYR B 54 -9.70 -30.07 -10.43
CA TYR B 54 -8.24 -29.90 -10.27
C TYR B 54 -7.84 -29.24 -8.97
N ALA B 55 -6.55 -29.34 -8.61
CA ALA B 55 -6.05 -28.72 -7.39
C ALA B 55 -6.54 -27.25 -7.40
N SER B 56 -7.10 -26.81 -6.27
CA SER B 56 -7.67 -25.47 -6.19
C SER B 56 -7.82 -24.94 -4.78
N PRO B 57 -7.57 -23.64 -4.56
CA PRO B 57 -7.73 -23.12 -3.20
C PRO B 57 -9.23 -22.96 -2.92
N ASN B 58 -10.03 -23.15 -3.96
CA ASN B 58 -11.50 -23.05 -3.88
C ASN B 58 -12.14 -21.71 -3.50
N THR B 59 -11.54 -20.61 -3.95
CA THR B 59 -12.13 -19.30 -3.72
C THR B 59 -13.37 -19.28 -4.62
N ASP B 60 -13.33 -20.09 -5.67
CA ASP B 60 -14.47 -20.16 -6.59
C ASP B 60 -14.80 -21.62 -6.94
N ASN B 61 -14.78 -22.43 -5.89
CA ASN B 61 -15.12 -23.85 -5.95
C ASN B 61 -14.63 -24.62 -7.20
N GLY B 62 -13.33 -24.60 -7.45
CA GLY B 62 -12.77 -25.33 -8.59
C GLY B 62 -12.36 -24.46 -9.77
N TYR B 63 -12.96 -23.28 -9.89
CA TYR B 63 -12.65 -22.40 -11.01
C TYR B 63 -11.39 -21.55 -10.82
N ASP B 64 -10.69 -21.76 -9.71
CA ASP B 64 -9.42 -21.05 -9.44
C ASP B 64 -8.44 -22.21 -9.28
N ILE B 65 -7.85 -22.65 -10.39
CA ILE B 65 -6.96 -23.83 -10.41
C ILE B 65 -5.52 -23.51 -10.11
N SER B 66 -4.92 -24.21 -9.14
CA SER B 66 -3.53 -23.93 -8.82
C SER B 66 -2.56 -24.90 -9.46
N ASP B 67 -3.07 -26.00 -10.02
CA ASP B 67 -2.20 -26.95 -10.73
C ASP B 67 -3.12 -27.74 -11.65
N TYR B 68 -3.03 -27.50 -12.95
CA TYR B 68 -3.89 -28.19 -13.92
C TYR B 68 -3.69 -29.72 -14.01
N ARG B 69 -2.58 -30.23 -13.47
CA ARG B 69 -2.36 -31.66 -13.58
C ARG B 69 -2.49 -32.51 -12.32
N GLU B 70 -3.12 -31.96 -11.27
CA GLU B 70 -3.37 -32.73 -10.04
C GLU B 70 -4.87 -32.62 -9.76
N VAL B 71 -5.46 -33.62 -9.12
CA VAL B 71 -6.90 -33.55 -8.81
C VAL B 71 -7.06 -32.75 -7.50
N MET B 72 -8.23 -32.16 -7.31
CA MET B 72 -8.51 -31.37 -6.12
C MET B 72 -8.44 -32.27 -4.87
N LYS B 73 -7.72 -31.84 -3.85
CA LYS B 73 -7.57 -32.65 -2.62
C LYS B 73 -8.93 -33.09 -2.06
N GLU B 74 -9.90 -32.18 -2.03
CA GLU B 74 -11.21 -32.54 -1.50
C GLU B 74 -11.90 -33.64 -2.25
N TYR B 75 -11.61 -33.80 -3.54
CA TYR B 75 -12.30 -34.82 -4.29
C TYR B 75 -11.66 -36.17 -4.29
N GLY B 76 -10.38 -36.24 -3.95
CA GLY B 76 -9.71 -37.51 -3.94
C GLY B 76 -8.29 -37.42 -4.45
N THR B 77 -7.83 -38.47 -5.11
CA THR B 77 -6.48 -38.55 -5.65
C THR B 77 -6.61 -38.89 -7.13
N MET B 78 -5.50 -38.84 -7.85
CA MET B 78 -5.51 -39.17 -9.28
C MET B 78 -6.05 -40.60 -9.46
N GLU B 79 -5.79 -41.42 -8.45
CA GLU B 79 -6.22 -42.82 -8.46
C GLU B 79 -7.76 -42.87 -8.45
N ASP B 80 -8.37 -42.05 -7.61
CA ASP B 80 -9.84 -42.04 -7.60
C ASP B 80 -10.36 -41.57 -8.97
N PHE B 81 -9.72 -40.55 -9.54
CA PHE B 81 -10.16 -40.03 -10.83
C PHE B 81 -10.06 -41.15 -11.88
N ASP B 82 -8.93 -41.86 -11.89
CA ASP B 82 -8.74 -42.97 -12.85
C ASP B 82 -9.82 -44.02 -12.65
N ARG B 83 -10.13 -44.31 -11.39
CA ARG B 83 -11.18 -45.26 -11.07
C ARG B 83 -12.52 -44.79 -11.65
N LEU B 84 -12.87 -43.53 -11.43
CA LEU B 84 -14.13 -42.99 -11.98
C LEU B 84 -14.15 -43.21 -13.52
N MET B 85 -13.03 -42.94 -14.17
CA MET B 85 -12.90 -43.13 -15.61
C MET B 85 -13.16 -44.59 -15.99
N ALA B 86 -12.54 -45.53 -15.29
CA ALA B 86 -12.75 -46.94 -15.61
C ALA B 86 -14.16 -47.43 -15.30
N GLU B 87 -14.75 -46.96 -14.20
CA GLU B 87 -16.10 -47.41 -13.88
C GLU B 87 -17.11 -46.84 -14.87
N LEU B 88 -16.81 -45.66 -15.43
CA LEU B 88 -17.71 -45.09 -16.40
C LEU B 88 -17.62 -45.95 -17.67
N LYS B 89 -16.40 -46.25 -18.09
CA LYS B 89 -16.22 -47.05 -19.31
C LYS B 89 -16.93 -48.40 -19.19
N LYS B 90 -16.83 -49.02 -18.02
CA LYS B 90 -17.49 -50.33 -17.81
C LYS B 90 -18.97 -50.23 -18.13
N ARG B 91 -19.54 -49.05 -17.89
CA ARG B 91 -20.97 -48.89 -18.14
C ARG B 91 -21.21 -48.25 -19.49
N GLY B 92 -20.15 -48.17 -20.28
CA GLY B 92 -20.24 -47.53 -21.58
C GLY B 92 -20.63 -46.06 -21.50
N MET B 93 -20.24 -45.40 -20.41
CA MET B 93 -20.54 -43.98 -20.25
C MET B 93 -19.30 -43.15 -20.59
N ARG B 94 -19.48 -41.86 -20.92
CA ARG B 94 -18.32 -41.02 -21.24
C ARG B 94 -18.17 -39.82 -20.26
N LEU B 95 -16.94 -39.33 -20.08
CA LEU B 95 -16.71 -38.24 -19.18
C LEU B 95 -16.29 -36.95 -19.92
N MET B 96 -16.92 -35.85 -19.55
CA MET B 96 -16.60 -34.54 -20.10
C MET B 96 -16.08 -33.75 -18.88
N VAL B 97 -14.88 -33.20 -18.98
CA VAL B 97 -14.33 -32.41 -17.88
C VAL B 97 -14.41 -30.93 -18.20
N ASP B 98 -14.29 -30.10 -17.17
CA ASP B 98 -14.36 -28.66 -17.32
C ASP B 98 -12.92 -28.09 -17.57
N VAL B 99 -12.77 -27.20 -18.56
CA VAL B 99 -11.46 -26.61 -18.88
C VAL B 99 -11.54 -25.11 -18.58
N VAL B 100 -10.78 -24.69 -17.58
CA VAL B 100 -10.78 -23.30 -17.12
C VAL B 100 -9.47 -22.63 -17.48
N ILE B 101 -9.39 -22.12 -18.70
CA ILE B 101 -8.15 -21.52 -19.13
C ILE B 101 -8.23 -20.06 -19.51
N ASN B 102 -9.22 -19.38 -18.96
CA ASN B 102 -9.30 -17.93 -19.18
C ASN B 102 -8.45 -17.32 -18.07
N HIS B 103 -8.36 -18.05 -16.96
CA HIS B 103 -7.66 -17.57 -15.79
C HIS B 103 -7.22 -18.74 -14.95
N SER B 104 -6.23 -18.54 -14.07
CA SER B 104 -5.79 -19.62 -13.17
C SER B 104 -5.90 -19.06 -11.75
N SER B 105 -5.57 -19.88 -10.76
CA SER B 105 -5.60 -19.40 -9.39
C SER B 105 -4.37 -18.50 -9.20
N ASP B 106 -4.42 -17.57 -8.23
CA ASP B 106 -3.23 -16.75 -8.03
C ASP B 106 -2.20 -17.61 -7.30
N GLN B 107 -2.56 -18.85 -6.96
CA GLN B 107 -1.60 -19.73 -6.27
C GLN B 107 -0.93 -20.68 -7.29
N HIS B 108 -1.30 -20.56 -8.56
CA HIS B 108 -0.65 -21.41 -9.56
C HIS B 108 0.85 -20.98 -9.59
N GLU B 109 1.76 -21.93 -9.79
CA GLU B 109 3.17 -21.56 -9.82
C GLU B 109 3.50 -20.54 -10.89
N TRP B 110 2.77 -20.54 -12.01
CA TRP B 110 3.04 -19.55 -13.08
C TRP B 110 2.84 -18.13 -12.54
N PHE B 111 1.79 -17.93 -11.75
CA PHE B 111 1.50 -16.60 -11.22
C PHE B 111 2.47 -16.20 -10.11
N LYS B 112 2.87 -17.17 -9.28
CA LYS B 112 3.83 -16.85 -8.24
C LYS B 112 5.13 -16.37 -8.87
N SER B 113 5.53 -17.03 -9.96
CA SER B 113 6.73 -16.68 -10.71
C SER B 113 6.48 -15.36 -11.42
N SER B 114 5.36 -15.31 -12.16
CA SER B 114 5.02 -14.11 -12.90
C SER B 114 5.04 -12.81 -12.09
N ARG B 115 4.45 -12.81 -10.90
CA ARG B 115 4.36 -11.61 -10.07
C ARG B 115 5.64 -11.22 -9.32
N ALA B 116 6.63 -12.11 -9.33
CA ALA B 116 7.86 -11.88 -8.59
C ALA B 116 8.75 -10.77 -9.09
N SER B 117 8.76 -10.50 -10.39
CA SER B 117 9.61 -9.42 -10.90
C SER B 117 9.02 -8.94 -12.20
N LYS B 118 9.52 -7.82 -12.71
CA LYS B 118 9.03 -7.34 -13.99
C LYS B 118 9.71 -8.15 -15.09
N ASP B 119 10.83 -8.78 -14.75
CA ASP B 119 11.57 -9.53 -15.73
C ASP B 119 11.88 -10.98 -15.38
N ASN B 120 10.95 -11.86 -15.73
CA ASN B 120 11.12 -13.30 -15.54
C ASN B 120 10.33 -13.87 -16.70
N PRO B 121 10.67 -15.09 -17.11
CA PRO B 121 10.00 -15.78 -18.23
C PRO B 121 8.50 -16.02 -18.08
N TYR B 122 7.93 -15.78 -16.90
CA TYR B 122 6.47 -16.00 -16.69
C TYR B 122 5.69 -14.70 -16.55
N ARG B 123 6.38 -13.57 -16.68
CA ARG B 123 5.72 -12.28 -16.52
C ARG B 123 4.56 -12.16 -17.46
N ASP B 124 4.76 -12.58 -18.70
CA ASP B 124 3.71 -12.48 -19.69
C ASP B 124 2.72 -13.64 -19.81
N TYR B 125 2.67 -14.47 -18.77
CA TYR B 125 1.67 -15.53 -18.74
C TYR B 125 0.38 -14.86 -18.25
N TYR B 126 0.47 -13.59 -17.87
CA TYR B 126 -0.68 -12.84 -17.37
C TYR B 126 -0.55 -11.44 -17.93
N PHE B 127 -1.48 -10.57 -17.54
CA PHE B 127 -1.51 -9.19 -17.99
C PHE B 127 -1.13 -8.27 -16.82
N TRP B 128 0.03 -7.62 -16.95
CA TRP B 128 0.54 -6.70 -15.94
C TRP B 128 0.58 -5.33 -16.61
N ARG B 129 -0.01 -4.31 -16.00
CA ARG B 129 0.00 -2.98 -16.62
C ARG B 129 0.16 -1.84 -15.62
N ASP B 130 0.72 -0.73 -16.08
CA ASP B 130 0.90 0.44 -15.24
C ASP B 130 -0.46 1.09 -14.99
N GLY B 131 -0.65 1.56 -13.76
CA GLY B 131 -1.88 2.24 -13.42
C GLY B 131 -1.89 3.54 -14.21
N LYS B 132 -3.04 4.21 -14.20
CA LYS B 132 -3.24 5.45 -14.91
C LYS B 132 -3.55 6.48 -13.84
N ASP B 133 -3.01 7.69 -14.00
CA ASP B 133 -3.21 8.77 -13.04
C ASP B 133 -3.66 8.35 -11.65
N GLY B 134 -2.75 7.76 -10.89
CA GLY B 134 -3.07 7.35 -9.53
C GLY B 134 -3.92 6.12 -9.29
N HIS B 135 -4.73 5.71 -10.27
CA HIS B 135 -5.58 4.53 -10.08
C HIS B 135 -5.30 3.38 -11.05
N GLU B 136 -6.30 2.55 -11.33
CA GLU B 136 -6.18 1.39 -12.23
C GLU B 136 -5.85 1.74 -13.67
N PRO B 137 -5.34 0.76 -14.46
CA PRO B 137 -4.99 1.03 -15.85
C PRO B 137 -6.22 1.51 -16.64
N ASN B 138 -7.40 1.02 -16.27
CA ASN B 138 -8.59 1.49 -16.94
C ASN B 138 -9.84 1.22 -16.10
N ASN B 139 -11.02 1.47 -16.66
CA ASN B 139 -12.25 1.31 -15.88
C ASN B 139 -12.93 -0.05 -15.84
N TYR B 140 -12.19 -1.10 -16.17
CA TYR B 140 -12.74 -2.47 -16.18
C TYR B 140 -13.34 -2.99 -14.89
N PRO B 141 -14.61 -3.42 -14.95
CA PRO B 141 -15.13 -3.95 -13.69
C PRO B 141 -14.96 -5.47 -13.64
N SER B 142 -15.07 -6.04 -12.44
CA SER B 142 -14.96 -7.48 -12.29
C SER B 142 -16.36 -8.05 -12.05
N PHE B 143 -16.61 -9.28 -12.50
CA PHE B 143 -17.88 -9.97 -12.29
C PHE B 143 -18.17 -10.19 -10.79
N PHE B 144 -17.10 -10.30 -10.01
CA PHE B 144 -17.17 -10.58 -8.58
C PHE B 144 -16.95 -9.41 -7.62
N GLY B 145 -17.10 -8.20 -8.16
CA GLY B 145 -16.98 -6.99 -7.37
C GLY B 145 -15.77 -6.12 -7.60
N GLY B 146 -15.99 -4.81 -7.59
CA GLY B 146 -14.87 -3.90 -7.75
C GLY B 146 -14.19 -3.92 -9.10
N SER B 147 -12.95 -3.44 -9.09
CA SER B 147 -12.14 -3.31 -10.28
C SER B 147 -11.59 -4.65 -10.77
N ALA B 148 -11.39 -4.74 -12.09
CA ALA B 148 -10.81 -5.94 -12.66
C ALA B 148 -9.28 -5.85 -12.58
N TRP B 149 -8.75 -4.77 -11.98
CA TRP B 149 -7.29 -4.66 -11.85
C TRP B 149 -6.83 -4.65 -10.41
N GLU B 150 -5.87 -5.50 -10.07
CA GLU B 150 -5.34 -5.58 -8.71
C GLU B 150 -3.84 -5.18 -8.67
N LYS B 151 -3.50 -4.20 -7.83
CA LYS B 151 -2.11 -3.73 -7.73
C LYS B 151 -1.24 -4.69 -6.91
N ASP B 152 0.00 -4.90 -7.35
CA ASP B 152 0.94 -5.75 -6.62
C ASP B 152 2.11 -4.84 -6.25
N PRO B 153 2.30 -4.57 -4.95
CA PRO B 153 3.40 -3.69 -4.53
C PRO B 153 4.81 -4.21 -4.86
N VAL B 154 4.93 -5.49 -5.16
CA VAL B 154 6.24 -6.03 -5.50
C VAL B 154 6.83 -5.35 -6.74
N THR B 155 5.98 -5.07 -7.73
CA THR B 155 6.42 -4.42 -8.96
C THR B 155 5.70 -3.11 -9.22
N GLY B 156 4.65 -2.83 -8.46
CA GLY B 156 3.90 -1.60 -8.67
C GLY B 156 2.94 -1.62 -9.85
N GLN B 157 2.82 -2.78 -10.50
CA GLN B 157 1.89 -2.85 -11.62
C GLN B 157 0.60 -3.57 -11.22
N TYR B 158 -0.41 -3.47 -12.08
CA TYR B 158 -1.69 -4.08 -11.83
C TYR B 158 -1.88 -5.31 -12.72
N TYR B 159 -2.44 -6.38 -12.17
CA TYR B 159 -2.72 -7.55 -12.99
C TYR B 159 -4.25 -7.62 -13.23
N LEU B 160 -4.64 -8.13 -14.41
CA LEU B 160 -6.03 -8.26 -14.81
C LEU B 160 -6.77 -9.46 -14.24
N HIS B 161 -8.03 -9.26 -13.85
CA HIS B 161 -8.84 -10.36 -13.36
C HIS B 161 -10.32 -10.07 -13.59
N TYR B 162 -10.87 -10.65 -14.65
CA TYR B 162 -12.29 -10.47 -14.97
C TYR B 162 -13.10 -11.06 -13.82
N PHE B 163 -12.60 -12.14 -13.24
CA PHE B 163 -13.32 -12.73 -12.16
C PHE B 163 -12.74 -12.33 -10.81
N GLY B 164 -12.62 -13.25 -9.87
CA GLY B 164 -12.11 -12.87 -8.58
C GLY B 164 -10.67 -12.39 -8.58
N ARG B 165 -10.31 -11.65 -7.55
CA ARG B 165 -8.95 -11.16 -7.40
C ARG B 165 -7.97 -12.34 -7.41
N GLN B 166 -8.42 -13.50 -6.96
CA GLN B 166 -7.58 -14.70 -6.90
C GLN B 166 -7.63 -15.59 -8.16
N GLN B 167 -8.14 -15.00 -9.24
CA GLN B 167 -8.26 -15.65 -10.55
C GLN B 167 -7.68 -14.74 -11.65
N PRO B 168 -6.34 -14.54 -11.64
CA PRO B 168 -5.69 -13.70 -12.66
C PRO B 168 -5.84 -14.29 -14.06
N ASP B 169 -6.25 -13.46 -15.02
CA ASP B 169 -6.47 -13.87 -16.42
C ASP B 169 -5.20 -14.23 -17.14
N LEU B 170 -5.21 -15.37 -17.81
CA LEU B 170 -4.06 -15.88 -18.57
C LEU B 170 -3.95 -15.09 -19.84
N ASN B 171 -2.71 -14.86 -20.27
CA ASN B 171 -2.44 -14.06 -21.45
C ASN B 171 -2.28 -14.90 -22.71
N TRP B 172 -3.39 -15.09 -23.43
CA TRP B 172 -3.38 -15.86 -24.67
C TRP B 172 -2.55 -15.19 -25.79
N ASP B 173 -2.16 -13.94 -25.61
CA ASP B 173 -1.34 -13.27 -26.63
C ASP B 173 0.13 -13.74 -26.65
N THR B 174 0.52 -14.51 -25.62
CA THR B 174 1.89 -15.01 -25.48
C THR B 174 1.94 -16.44 -25.99
N PRO B 175 2.57 -16.67 -27.18
CA PRO B 175 2.63 -18.03 -27.73
C PRO B 175 3.02 -19.13 -26.75
N LYS B 176 4.05 -18.87 -25.96
CA LYS B 176 4.54 -19.87 -25.01
C LYS B 176 3.46 -20.29 -24.03
N LEU B 177 2.62 -19.35 -23.64
CA LEU B 177 1.51 -19.64 -22.73
C LEU B 177 0.49 -20.48 -23.49
N ARG B 178 0.19 -20.15 -24.74
CA ARG B 178 -0.76 -20.99 -25.46
C ARG B 178 -0.26 -22.41 -25.54
N GLU B 179 1.06 -22.55 -25.73
CA GLU B 179 1.63 -23.89 -25.83
C GLU B 179 1.50 -24.66 -24.53
N GLU B 180 1.62 -23.97 -23.39
CA GLU B 180 1.49 -24.66 -22.11
C GLU B 180 0.05 -25.16 -21.95
N LEU B 181 -0.88 -24.33 -22.39
CA LEU B 181 -2.29 -24.71 -22.29
C LEU B 181 -2.59 -25.93 -23.17
N TYR B 182 -2.01 -25.99 -24.36
CA TYR B 182 -2.24 -27.12 -25.25
C TYR B 182 -1.65 -28.40 -24.67
N ALA B 183 -0.47 -28.30 -24.08
CA ALA B 183 0.17 -29.48 -23.49
C ALA B 183 -0.68 -30.00 -22.31
N MET B 184 -1.27 -29.07 -21.55
CA MET B 184 -2.11 -29.42 -20.42
C MET B 184 -3.36 -30.15 -20.90
N LEU B 185 -3.95 -29.69 -21.99
CA LEU B 185 -5.14 -30.36 -22.51
C LEU B 185 -4.79 -31.79 -22.95
N ARG B 186 -3.63 -31.98 -23.61
CA ARG B 186 -3.24 -33.31 -24.04
C ARG B 186 -3.05 -34.25 -22.84
N PHE B 187 -2.61 -33.69 -21.72
CA PHE B 187 -2.41 -34.51 -20.52
C PHE B 187 -3.72 -35.18 -20.16
N TRP B 188 -4.84 -34.44 -20.21
CA TRP B 188 -6.12 -35.06 -19.89
C TRP B 188 -6.70 -35.89 -21.04
N LEU B 189 -6.54 -35.38 -22.28
CA LEU B 189 -7.03 -36.11 -23.45
C LEU B 189 -6.37 -37.47 -23.57
N ASP B 190 -5.07 -37.53 -23.25
CA ASP B 190 -4.32 -38.78 -23.30
C ASP B 190 -4.86 -39.82 -22.31
N LYS B 191 -5.54 -39.37 -21.26
CA LYS B 191 -6.09 -40.28 -20.26
C LYS B 191 -7.42 -40.84 -20.75
N GLY B 192 -7.90 -40.36 -21.88
CA GLY B 192 -9.15 -40.85 -22.42
C GLY B 192 -10.41 -39.99 -22.25
N VAL B 193 -10.30 -38.82 -21.63
CA VAL B 193 -11.46 -37.94 -21.45
C VAL B 193 -12.15 -37.81 -22.82
N SER B 194 -13.48 -37.99 -22.87
CA SER B 194 -14.26 -37.94 -24.12
C SER B 194 -14.79 -36.56 -24.51
N GLY B 195 -14.74 -35.62 -23.57
CA GLY B 195 -15.24 -34.29 -23.87
C GLY B 195 -14.69 -33.24 -22.92
N MET B 196 -14.70 -31.98 -23.38
CA MET B 196 -14.23 -30.86 -22.60
C MET B 196 -15.21 -29.68 -22.76
N ARG B 197 -15.58 -29.06 -21.65
CA ARG B 197 -16.47 -27.93 -21.61
C ARG B 197 -15.56 -26.75 -21.27
N PHE B 198 -15.52 -25.77 -22.16
CA PHE B 198 -14.67 -24.62 -21.94
C PHE B 198 -15.30 -23.45 -21.20
N ASP B 199 -14.82 -23.24 -20.00
CA ASP B 199 -15.28 -22.13 -19.17
C ASP B 199 -15.07 -20.73 -19.83
N THR B 200 -16.09 -19.87 -19.82
CA THR B 200 -16.04 -18.54 -20.44
C THR B 200 -15.10 -18.51 -21.65
N VAL B 201 -15.44 -19.32 -22.65
CA VAL B 201 -14.61 -19.44 -23.85
C VAL B 201 -14.51 -18.19 -24.72
N ALA B 202 -15.49 -17.30 -24.61
CA ALA B 202 -15.43 -16.10 -25.45
C ALA B 202 -14.56 -14.96 -24.96
N THR B 203 -14.02 -15.08 -23.76
CA THR B 203 -13.22 -14.00 -23.21
C THR B 203 -11.69 -14.14 -23.30
N TYR B 204 -11.20 -15.16 -23.98
CA TYR B 204 -9.74 -15.40 -24.07
C TYR B 204 -8.95 -14.26 -24.67
N SER B 205 -9.47 -13.65 -25.72
CA SER B 205 -8.76 -12.56 -26.35
C SER B 205 -9.08 -11.22 -25.70
N LYS B 206 -8.04 -10.51 -25.27
CA LYS B 206 -8.17 -9.19 -24.64
C LYS B 206 -7.98 -8.11 -25.70
N THR B 207 -8.58 -6.94 -25.46
CA THR B 207 -8.48 -5.83 -26.40
C THR B 207 -7.11 -5.11 -26.29
N PRO B 208 -6.35 -5.05 -27.40
CA PRO B 208 -5.04 -4.37 -27.37
C PRO B 208 -5.18 -2.96 -26.80
N GLY B 209 -4.23 -2.56 -25.94
CA GLY B 209 -4.28 -1.23 -25.40
C GLY B 209 -5.17 -1.05 -24.19
N PHE B 210 -6.07 -2.00 -23.95
CA PHE B 210 -6.94 -1.90 -22.80
C PHE B 210 -7.59 -0.54 -22.61
N PRO B 211 -8.22 -0.02 -23.67
CA PRO B 211 -8.86 1.30 -23.51
C PRO B 211 -10.07 1.16 -22.61
N ASP B 212 -10.54 2.29 -22.06
CA ASP B 212 -11.71 2.31 -21.18
C ASP B 212 -12.97 1.88 -21.91
N LEU B 213 -13.87 1.25 -21.17
CA LEU B 213 -15.13 0.86 -21.76
C LEU B 213 -15.98 2.12 -21.77
N THR B 214 -16.85 2.22 -22.76
CA THR B 214 -17.74 3.36 -22.87
C THR B 214 -18.86 3.17 -21.85
N PRO B 215 -19.56 4.27 -21.50
CA PRO B 215 -20.66 4.17 -20.52
C PRO B 215 -21.64 3.04 -20.90
N GLU B 216 -21.93 2.93 -22.19
CA GLU B 216 -22.85 1.90 -22.70
C GLU B 216 -22.25 0.53 -22.44
N GLN B 217 -20.98 0.35 -22.79
CA GLN B 217 -20.29 -0.91 -22.57
C GLN B 217 -20.21 -1.27 -21.10
N MET B 218 -20.09 -0.27 -20.22
CA MET B 218 -20.00 -0.54 -18.78
C MET B 218 -21.31 -1.13 -18.25
N LYS B 219 -22.41 -0.81 -18.92
CA LYS B 219 -23.71 -1.32 -18.52
C LYS B 219 -23.82 -2.81 -18.86
N ASN B 220 -23.03 -3.26 -19.83
CA ASN B 220 -23.03 -4.67 -20.23
C ASN B 220 -21.58 -5.08 -20.49
N PHE B 221 -20.74 -5.01 -19.47
CA PHE B 221 -19.33 -5.33 -19.68
C PHE B 221 -19.04 -6.76 -20.04
N ALA B 222 -19.94 -7.67 -19.69
CA ALA B 222 -19.74 -9.07 -20.02
C ALA B 222 -19.62 -9.19 -21.53
N GLU B 223 -20.41 -8.43 -22.25
CA GLU B 223 -20.34 -8.51 -23.69
C GLU B 223 -19.06 -7.92 -24.26
N ALA B 224 -18.62 -6.80 -23.67
CA ALA B 224 -17.41 -6.14 -24.12
C ALA B 224 -16.21 -7.07 -24.01
N TYR B 225 -16.20 -7.89 -22.97
CA TYR B 225 -15.08 -8.81 -22.79
C TYR B 225 -15.05 -9.99 -23.78
N THR B 226 -16.11 -10.16 -24.58
CA THR B 226 -16.14 -11.25 -25.58
C THR B 226 -15.74 -10.70 -26.96
N GLN B 227 -15.30 -9.45 -27.02
CA GLN B 227 -14.96 -8.91 -28.34
C GLN B 227 -13.47 -8.78 -28.66
N GLY B 228 -12.64 -9.61 -28.05
CA GLY B 228 -11.21 -9.55 -28.34
C GLY B 228 -11.00 -9.84 -29.81
N PRO B 229 -10.10 -9.10 -30.48
CA PRO B 229 -9.86 -9.33 -31.91
C PRO B 229 -9.17 -10.64 -32.35
N ASN B 230 -8.52 -11.37 -31.44
CA ASN B 230 -7.84 -12.62 -31.84
C ASN B 230 -8.53 -13.89 -31.35
N LEU B 231 -9.73 -13.72 -30.80
CA LEU B 231 -10.45 -14.85 -30.25
C LEU B 231 -10.55 -16.08 -31.17
N HIS B 232 -11.05 -15.90 -32.38
CA HIS B 232 -11.22 -17.07 -33.25
C HIS B 232 -9.93 -17.64 -33.79
N ARG B 233 -8.94 -16.78 -33.93
CA ARG B 233 -7.63 -17.24 -34.36
C ARG B 233 -7.13 -18.19 -33.24
N TYR B 234 -7.26 -17.76 -31.98
CA TYR B 234 -6.84 -18.60 -30.85
C TYR B 234 -7.62 -19.93 -30.78
N LEU B 235 -8.94 -19.91 -30.95
CA LEU B 235 -9.71 -21.17 -30.91
C LEU B 235 -9.35 -22.07 -32.11
N GLN B 236 -9.07 -21.49 -33.27
CA GLN B 236 -8.74 -22.32 -34.42
C GLN B 236 -7.36 -22.96 -34.21
N GLU B 237 -6.47 -22.23 -33.57
CA GLU B 237 -5.12 -22.74 -33.29
C GLU B 237 -5.22 -23.92 -32.32
N MET B 238 -6.05 -23.76 -31.29
CA MET B 238 -6.25 -24.83 -30.31
C MET B 238 -6.82 -26.09 -30.96
N HIS B 239 -7.79 -25.91 -31.86
CA HIS B 239 -8.39 -27.04 -32.54
C HIS B 239 -7.29 -27.73 -33.37
N GLU B 240 -6.50 -26.93 -34.07
CA GLU B 240 -5.44 -27.48 -34.92
C GLU B 240 -4.34 -28.22 -34.15
N LYS B 241 -3.90 -27.66 -33.04
CA LYS B 241 -2.83 -28.28 -32.30
C LYS B 241 -3.27 -29.36 -31.33
N VAL B 242 -4.53 -29.36 -30.94
CA VAL B 242 -5.00 -30.36 -30.03
C VAL B 242 -6.13 -31.27 -30.53
N PHE B 243 -7.34 -30.72 -30.58
CA PHE B 243 -8.52 -31.51 -30.92
C PHE B 243 -8.53 -32.24 -32.25
N ASP B 244 -7.73 -31.73 -33.15
CA ASP B 244 -7.55 -32.33 -34.45
C ASP B 244 -6.99 -33.75 -34.25
N HIS B 245 -6.20 -33.95 -33.21
CA HIS B 245 -5.56 -35.22 -32.94
C HIS B 245 -6.32 -36.18 -32.02
N TYR B 246 -7.51 -35.77 -31.59
CA TYR B 246 -8.29 -36.64 -30.72
C TYR B 246 -9.70 -36.83 -31.22
N ASP B 247 -10.46 -37.60 -30.47
CA ASP B 247 -11.82 -37.89 -30.82
C ASP B 247 -12.77 -37.28 -29.77
N ALA B 248 -12.33 -36.26 -29.03
CA ALA B 248 -13.19 -35.67 -27.98
C ALA B 248 -14.13 -34.59 -28.48
N VAL B 249 -15.27 -34.43 -27.81
CA VAL B 249 -16.21 -33.41 -28.19
C VAL B 249 -15.91 -32.14 -27.36
N THR B 250 -16.03 -30.98 -28.00
CA THR B 250 -15.79 -29.72 -27.31
C THR B 250 -17.10 -28.90 -27.25
N ALA B 251 -17.31 -28.29 -26.09
CA ALA B 251 -18.52 -27.51 -25.81
C ALA B 251 -18.08 -26.20 -25.14
N GLY B 252 -18.39 -25.09 -25.80
CA GLY B 252 -17.99 -23.81 -25.26
C GLY B 252 -19.04 -23.10 -24.41
N GLN B 253 -18.63 -22.64 -23.22
CA GLN B 253 -19.56 -21.85 -22.40
C GLN B 253 -19.36 -20.46 -22.99
N ILE B 254 -20.24 -20.06 -23.91
CA ILE B 254 -20.12 -18.77 -24.59
C ILE B 254 -20.88 -17.70 -23.81
N PHE B 255 -20.34 -17.33 -22.66
CA PHE B 255 -21.02 -16.34 -21.86
C PHE B 255 -20.76 -14.91 -22.23
N GLY B 256 -21.84 -14.17 -22.42
CA GLY B 256 -21.72 -12.75 -22.72
C GLY B 256 -21.71 -12.39 -24.18
N ALA B 257 -21.56 -13.35 -25.09
CA ALA B 257 -21.53 -12.99 -26.50
C ALA B 257 -22.89 -12.77 -27.15
N PRO B 258 -22.95 -11.85 -28.11
CA PRO B 258 -24.20 -11.57 -28.82
C PRO B 258 -24.54 -12.85 -29.58
N LEU B 259 -25.80 -13.26 -29.56
CA LEU B 259 -26.16 -14.48 -30.24
C LEU B 259 -25.71 -14.58 -31.71
N ASN B 260 -25.72 -13.47 -32.45
CA ASN B 260 -25.34 -13.53 -33.88
C ASN B 260 -23.89 -13.98 -34.13
N GLN B 261 -23.06 -13.93 -33.09
CA GLN B 261 -21.67 -14.35 -33.22
C GLN B 261 -21.43 -15.83 -32.90
N VAL B 262 -22.43 -16.50 -32.33
CA VAL B 262 -22.27 -17.90 -31.94
C VAL B 262 -21.87 -18.81 -33.10
N PRO B 263 -22.38 -18.55 -34.32
CA PRO B 263 -21.97 -19.48 -35.38
C PRO B 263 -20.44 -19.53 -35.58
N LEU B 264 -19.75 -18.43 -35.26
CA LEU B 264 -18.29 -18.44 -35.44
C LEU B 264 -17.60 -19.47 -34.56
N PHE B 265 -18.25 -19.82 -33.44
CA PHE B 265 -17.72 -20.79 -32.50
C PHE B 265 -18.08 -22.24 -32.80
N ILE B 266 -19.22 -22.48 -33.44
CA ILE B 266 -19.68 -23.84 -33.65
C ILE B 266 -19.83 -24.38 -35.06
N ASP B 267 -19.82 -23.49 -36.06
CA ASP B 267 -19.95 -23.96 -37.44
C ASP B 267 -18.86 -25.02 -37.62
N SER B 268 -19.24 -26.26 -37.89
CA SER B 268 -18.23 -27.30 -38.03
C SER B 268 -17.16 -27.00 -39.08
N ARG B 269 -17.51 -26.23 -40.11
CA ARG B 269 -16.54 -25.92 -41.17
C ARG B 269 -15.43 -24.99 -40.70
N ARG B 270 -15.63 -24.27 -39.62
CA ARG B 270 -14.61 -23.35 -39.12
C ARG B 270 -13.59 -24.04 -38.26
N LYS B 271 -13.85 -25.29 -37.88
CA LYS B 271 -12.92 -26.02 -37.03
C LYS B 271 -12.54 -25.32 -35.73
N GLU B 272 -13.55 -25.01 -34.94
CA GLU B 272 -13.32 -24.39 -33.65
C GLU B 272 -13.89 -25.35 -32.62
N LEU B 273 -15.13 -25.12 -32.18
CA LEU B 273 -15.75 -25.99 -31.18
C LEU B 273 -16.90 -26.79 -31.80
N ASP B 274 -17.29 -27.88 -31.13
CA ASP B 274 -18.38 -28.72 -31.63
C ASP B 274 -19.77 -28.20 -31.27
N MET B 275 -19.95 -27.79 -30.04
CA MET B 275 -21.26 -27.30 -29.66
C MET B 275 -21.18 -26.13 -28.69
N ALA B 276 -22.32 -25.47 -28.54
CA ALA B 276 -22.41 -24.27 -27.71
C ALA B 276 -23.40 -24.23 -26.51
N PHE B 277 -22.94 -23.63 -25.41
CA PHE B 277 -23.79 -23.39 -24.24
C PHE B 277 -24.04 -21.88 -24.41
N THR B 278 -25.28 -21.50 -24.71
CA THR B 278 -25.58 -20.06 -24.80
C THR B 278 -26.39 -19.69 -23.56
N PHE B 279 -26.50 -18.39 -23.28
CA PHE B 279 -27.23 -17.99 -22.09
C PHE B 279 -28.39 -17.08 -22.33
N ASP B 280 -28.78 -16.94 -23.60
CA ASP B 280 -29.93 -16.09 -23.94
C ASP B 280 -31.18 -16.63 -23.24
N LEU B 281 -31.38 -17.94 -23.28
CA LEU B 281 -32.56 -18.51 -22.64
C LEU B 281 -32.51 -18.48 -21.11
N ILE B 282 -31.43 -19.01 -20.51
CA ILE B 282 -31.41 -19.03 -19.07
C ILE B 282 -31.38 -17.64 -18.41
N ARG B 283 -30.86 -16.64 -19.13
CA ARG B 283 -30.85 -15.28 -18.60
C ARG B 283 -31.94 -14.41 -19.29
N TYR B 284 -32.91 -15.03 -19.96
CA TYR B 284 -33.95 -14.24 -20.66
C TYR B 284 -34.74 -13.31 -19.77
N ASP B 285 -34.74 -13.58 -18.46
CA ASP B 285 -35.45 -12.72 -17.51
C ASP B 285 -34.51 -12.11 -16.47
N ARG B 286 -33.25 -11.91 -16.84
CA ARG B 286 -32.30 -11.32 -15.90
C ARG B 286 -31.95 -9.91 -16.40
N ALA B 287 -31.92 -8.94 -15.50
CA ALA B 287 -31.60 -7.55 -15.88
C ALA B 287 -30.10 -7.51 -16.22
N LEU B 288 -29.64 -6.39 -16.77
CA LEU B 288 -28.24 -6.21 -17.15
C LEU B 288 -27.28 -6.30 -16.01
N ASP B 289 -27.75 -5.92 -14.82
CA ASP B 289 -26.90 -5.94 -13.66
C ASP B 289 -26.70 -7.39 -13.18
N ARG B 290 -27.39 -8.32 -13.82
CA ARG B 290 -27.27 -9.74 -13.49
C ARG B 290 -27.87 -10.19 -12.17
N TRP B 291 -28.55 -9.31 -11.45
CA TRP B 291 -29.16 -9.78 -10.20
C TRP B 291 -30.68 -9.49 -10.05
N HIS B 292 -31.18 -8.45 -10.72
CA HIS B 292 -32.61 -8.20 -10.68
C HIS B 292 -33.21 -9.10 -11.74
N THR B 293 -34.53 -9.28 -11.67
CA THR B 293 -35.20 -10.09 -12.68
C THR B 293 -36.20 -9.20 -13.39
N ILE B 294 -36.69 -9.66 -14.53
CA ILE B 294 -37.65 -8.90 -15.30
C ILE B 294 -38.77 -9.84 -15.72
N PRO B 295 -40.02 -9.40 -15.56
CA PRO B 295 -41.15 -10.26 -15.94
C PRO B 295 -41.08 -10.68 -17.40
N ARG B 296 -41.27 -11.97 -17.69
CA ARG B 296 -41.28 -12.46 -19.07
C ARG B 296 -42.40 -13.47 -19.17
N THR B 297 -42.80 -13.85 -20.38
CA THR B 297 -43.84 -14.85 -20.56
C THR B 297 -43.29 -16.00 -21.44
N LEU B 298 -44.08 -17.05 -21.59
CA LEU B 298 -43.75 -18.20 -22.43
C LEU B 298 -43.45 -17.70 -23.84
N ALA B 299 -44.04 -16.57 -24.20
CA ALA B 299 -43.79 -16.05 -25.54
C ALA B 299 -42.31 -15.63 -25.70
N ASP B 300 -41.73 -15.07 -24.65
CA ASP B 300 -40.33 -14.64 -24.66
C ASP B 300 -39.38 -15.86 -24.62
N PHE B 301 -39.85 -16.89 -23.91
CA PHE B 301 -39.15 -18.16 -23.73
C PHE B 301 -39.00 -18.86 -25.08
N ARG B 302 -40.12 -19.12 -25.74
CA ARG B 302 -40.07 -19.82 -27.01
C ARG B 302 -39.38 -19.00 -28.12
N GLN B 303 -39.59 -17.69 -28.13
CA GLN B 303 -38.97 -16.87 -29.17
C GLN B 303 -37.45 -16.94 -29.03
N THR B 304 -36.94 -16.94 -27.80
CA THR B 304 -35.50 -17.02 -27.57
C THR B 304 -34.97 -18.36 -28.09
N ILE B 305 -35.66 -19.44 -27.72
CA ILE B 305 -35.24 -20.75 -28.16
C ILE B 305 -35.21 -20.77 -29.69
N ASP B 306 -36.24 -20.19 -30.29
CA ASP B 306 -36.33 -20.19 -31.75
C ASP B 306 -35.09 -19.49 -32.32
N LYS B 307 -34.77 -18.33 -31.78
CA LYS B 307 -33.60 -17.59 -32.26
C LYS B 307 -32.33 -18.42 -32.09
N VAL B 308 -32.13 -18.98 -30.89
CA VAL B 308 -30.95 -19.79 -30.60
C VAL B 308 -30.90 -20.99 -31.57
N ASP B 309 -32.00 -21.71 -31.71
CA ASP B 309 -31.99 -22.85 -32.62
C ASP B 309 -31.68 -22.44 -34.06
N ALA B 310 -32.18 -21.29 -34.50
CA ALA B 310 -31.88 -20.83 -35.86
C ALA B 310 -30.40 -20.59 -36.04
N ILE B 311 -29.77 -20.06 -35.00
CA ILE B 311 -28.35 -19.77 -35.06
C ILE B 311 -27.44 -20.98 -35.31
N ALA B 312 -27.87 -22.18 -34.93
CA ALA B 312 -27.05 -23.35 -35.16
C ALA B 312 -26.95 -23.62 -36.68
N GLY B 313 -27.93 -23.14 -37.43
CA GLY B 313 -27.91 -23.34 -38.87
C GLY B 313 -27.77 -24.80 -39.27
N GLU B 314 -27.09 -25.06 -40.39
CA GLU B 314 -26.90 -26.42 -40.90
C GLU B 314 -25.62 -27.10 -40.38
N TYR B 315 -24.61 -26.33 -40.04
CA TYR B 315 -23.36 -26.97 -39.60
C TYR B 315 -23.00 -26.74 -38.13
N GLY B 316 -23.85 -26.03 -37.39
CA GLY B 316 -23.54 -25.80 -35.98
C GLY B 316 -24.35 -26.75 -35.12
N TRP B 317 -24.14 -26.73 -33.81
CA TRP B 317 -24.92 -27.61 -32.93
C TRP B 317 -25.05 -26.98 -31.55
N ASN B 318 -26.24 -27.06 -30.95
CA ASN B 318 -26.43 -26.48 -29.61
C ASN B 318 -26.58 -27.54 -28.53
N THR B 319 -26.28 -27.12 -27.30
CA THR B 319 -26.52 -27.96 -26.15
C THR B 319 -27.87 -27.34 -25.75
N PHE B 320 -28.60 -27.99 -24.87
CA PHE B 320 -29.85 -27.39 -24.37
C PHE B 320 -29.92 -27.69 -22.87
N PHE B 321 -30.22 -26.67 -22.07
CA PHE B 321 -30.29 -26.88 -20.64
C PHE B 321 -31.23 -25.84 -20.04
N LEU B 322 -31.83 -26.17 -18.90
CA LEU B 322 -32.72 -25.25 -18.22
C LEU B 322 -32.07 -24.88 -16.90
N GLY B 323 -30.99 -25.58 -16.55
CA GLY B 323 -30.30 -25.29 -15.31
C GLY B 323 -28.85 -25.71 -15.28
N ASN B 324 -28.09 -25.11 -14.38
CA ASN B 324 -26.69 -25.47 -14.20
C ASN B 324 -26.22 -24.93 -12.88
N HIS B 325 -24.91 -25.00 -12.64
CA HIS B 325 -24.37 -24.56 -11.35
C HIS B 325 -24.26 -23.04 -11.16
N ASP B 326 -24.64 -22.26 -12.18
CA ASP B 326 -24.53 -20.80 -12.05
C ASP B 326 -25.88 -20.11 -12.06
N ASN B 327 -26.95 -20.91 -12.03
CA ASN B 327 -28.30 -20.35 -12.15
C ASN B 327 -29.32 -20.95 -11.18
N PRO B 328 -30.48 -20.27 -11.03
CA PRO B 328 -31.50 -20.80 -10.12
C PRO B 328 -32.05 -22.13 -10.62
N ARG B 329 -32.79 -22.83 -9.76
CA ARG B 329 -33.32 -24.13 -10.12
C ARG B 329 -34.35 -24.03 -11.20
N ALA B 330 -34.23 -24.95 -12.14
CA ALA B 330 -35.12 -25.00 -13.27
C ALA B 330 -36.61 -24.94 -12.93
N VAL B 331 -37.09 -25.78 -12.00
CA VAL B 331 -38.50 -25.74 -11.70
C VAL B 331 -38.92 -24.43 -11.00
N SER B 332 -38.05 -23.86 -10.18
CA SER B 332 -38.39 -22.58 -9.54
C SER B 332 -38.34 -21.42 -10.58
N HIS B 333 -37.37 -21.49 -11.47
CA HIS B 333 -37.16 -20.42 -12.47
C HIS B 333 -38.16 -20.41 -13.61
N PHE B 334 -38.35 -21.56 -14.25
CA PHE B 334 -39.27 -21.66 -15.38
C PHE B 334 -40.62 -22.30 -15.09
N GLY B 335 -40.76 -22.99 -13.97
CA GLY B 335 -42.03 -23.65 -13.69
C GLY B 335 -42.76 -23.03 -12.52
N ASP B 336 -43.46 -23.85 -11.72
CA ASP B 336 -44.15 -23.32 -10.56
C ASP B 336 -43.77 -24.22 -9.37
N ASP B 337 -42.91 -23.72 -8.48
CA ASP B 337 -42.45 -24.56 -7.37
C ASP B 337 -43.29 -24.60 -6.10
N ARG B 338 -44.53 -24.14 -6.16
CA ARG B 338 -45.38 -24.18 -5.00
C ARG B 338 -45.70 -25.66 -4.88
N PRO B 339 -45.91 -26.16 -3.66
CA PRO B 339 -46.22 -27.58 -3.42
C PRO B 339 -47.24 -28.25 -4.32
N GLN B 340 -48.37 -27.60 -4.59
CA GLN B 340 -49.34 -28.29 -5.42
C GLN B 340 -49.02 -28.33 -6.92
N TRP B 341 -48.01 -27.56 -7.37
CA TRP B 341 -47.63 -27.52 -8.80
C TRP B 341 -46.19 -27.95 -9.14
N ARG B 342 -45.36 -28.18 -8.12
CA ARG B 342 -43.95 -28.52 -8.33
C ARG B 342 -43.71 -29.77 -9.23
N GLU B 343 -44.38 -30.89 -8.91
CA GLU B 343 -44.21 -32.09 -9.68
C GLU B 343 -44.72 -31.94 -11.11
N ALA B 344 -45.91 -31.38 -11.25
CA ALA B 344 -46.49 -31.21 -12.55
C ALA B 344 -45.65 -30.30 -13.44
N SER B 345 -45.17 -29.19 -12.91
CA SER B 345 -44.39 -28.28 -13.77
C SER B 345 -42.99 -28.84 -14.02
N ALA B 346 -42.40 -29.53 -13.04
CA ALA B 346 -41.08 -30.13 -13.28
C ALA B 346 -41.16 -31.20 -14.38
N LYS B 347 -42.29 -31.94 -14.48
CA LYS B 347 -42.39 -32.95 -15.54
C LYS B 347 -42.54 -32.21 -16.90
N ALA B 348 -43.33 -31.14 -16.89
CA ALA B 348 -43.56 -30.34 -18.10
C ALA B 348 -42.22 -29.84 -18.65
N LEU B 349 -41.36 -29.35 -17.76
CA LEU B 349 -40.06 -28.85 -18.18
C LEU B 349 -39.15 -30.01 -18.67
N ALA B 350 -39.30 -31.19 -18.06
CA ALA B 350 -38.52 -32.35 -18.47
C ALA B 350 -38.85 -32.62 -19.94
N THR B 351 -40.14 -32.60 -20.28
CA THR B 351 -40.61 -32.85 -21.63
C THR B 351 -39.96 -31.86 -22.62
N VAL B 352 -39.95 -30.59 -22.24
CA VAL B 352 -39.34 -29.59 -23.06
C VAL B 352 -37.84 -29.96 -23.21
N THR B 353 -37.12 -30.08 -22.11
CA THR B 353 -35.68 -30.38 -22.12
C THR B 353 -35.29 -31.53 -23.04
N LEU B 354 -36.01 -32.63 -22.93
CA LEU B 354 -35.69 -33.80 -23.70
C LEU B 354 -36.29 -33.91 -25.11
N THR B 355 -36.92 -32.85 -25.59
CA THR B 355 -37.46 -32.90 -26.95
C THR B 355 -36.93 -31.69 -27.77
N GLN B 356 -35.92 -31.01 -27.23
CA GLN B 356 -35.29 -29.87 -27.92
C GLN B 356 -34.25 -30.34 -28.95
N ARG B 357 -34.02 -29.53 -29.98
CA ARG B 357 -33.03 -29.89 -30.98
C ARG B 357 -31.70 -29.48 -30.37
N GLY B 358 -30.81 -30.44 -30.17
CA GLY B 358 -29.54 -30.14 -29.55
C GLY B 358 -29.23 -31.24 -28.55
N THR B 359 -28.12 -31.11 -27.83
CA THR B 359 -27.70 -32.08 -26.85
C THR B 359 -28.17 -31.65 -25.47
N PRO B 360 -29.16 -32.37 -24.91
CA PRO B 360 -29.59 -31.94 -23.57
C PRO B 360 -28.63 -32.23 -22.44
N PHE B 361 -28.59 -31.31 -21.48
CA PHE B 361 -27.79 -31.45 -20.29
C PHE B 361 -28.78 -31.34 -19.13
N ILE B 362 -28.86 -32.40 -18.32
CA ILE B 362 -29.74 -32.40 -17.17
C ILE B 362 -28.85 -32.03 -15.99
N PHE B 363 -29.24 -31.02 -15.20
CA PHE B 363 -28.43 -30.62 -14.04
C PHE B 363 -28.83 -31.44 -12.82
N GLN B 364 -27.84 -31.93 -12.08
CA GLN B 364 -28.11 -32.79 -10.92
C GLN B 364 -29.20 -32.33 -10.00
N GLY B 365 -30.17 -33.21 -9.77
CA GLY B 365 -31.24 -32.88 -8.87
C GLY B 365 -32.50 -32.47 -9.58
N ASP B 366 -32.39 -31.96 -10.80
CA ASP B 366 -33.58 -31.53 -11.49
C ASP B 366 -34.47 -32.70 -11.83
N GLU B 367 -33.86 -33.89 -12.01
CA GLU B 367 -34.67 -35.08 -12.31
C GLU B 367 -35.54 -35.47 -11.09
N LEU B 368 -35.28 -34.84 -9.93
CA LEU B 368 -36.07 -35.09 -8.71
C LEU B 368 -37.07 -33.97 -8.45
N GLY B 369 -36.92 -32.86 -9.17
CA GLY B 369 -37.80 -31.73 -8.93
C GLY B 369 -37.26 -30.86 -7.79
N MET B 370 -35.95 -30.86 -7.59
CA MET B 370 -35.36 -30.02 -6.55
C MET B 370 -35.66 -28.53 -6.84
N THR B 371 -35.87 -27.76 -5.77
CA THR B 371 -36.24 -26.35 -5.90
C THR B 371 -35.19 -25.39 -5.37
N ASN B 372 -35.47 -24.10 -5.50
CA ASN B 372 -34.59 -23.06 -4.96
C ASN B 372 -34.56 -23.30 -3.46
N TYR B 373 -33.62 -22.66 -2.80
CA TYR B 373 -33.47 -22.82 -1.37
C TYR B 373 -34.02 -21.60 -0.62
N PRO B 374 -34.70 -21.82 0.51
CA PRO B 374 -35.24 -20.68 1.26
C PRO B 374 -34.21 -19.87 2.07
N PHE B 375 -33.44 -19.02 1.40
CA PHE B 375 -32.45 -18.22 2.09
C PHE B 375 -33.15 -17.22 3.04
N LYS B 376 -32.57 -16.97 4.22
CA LYS B 376 -33.18 -16.03 5.15
C LYS B 376 -32.36 -14.75 5.31
N THR B 377 -31.04 -14.88 5.30
CA THR B 377 -30.20 -13.72 5.40
C THR B 377 -29.07 -13.84 4.37
N LEU B 378 -28.39 -12.73 4.09
CA LEU B 378 -27.30 -12.75 3.13
C LEU B 378 -26.20 -13.66 3.62
N GLN B 379 -26.17 -13.92 4.93
CA GLN B 379 -25.13 -14.79 5.47
C GLN B 379 -25.36 -16.25 5.11
N ASP B 380 -26.54 -16.58 4.60
CA ASP B 380 -26.81 -17.96 4.18
C ASP B 380 -26.26 -18.27 2.76
N PHE B 381 -25.60 -17.31 2.11
CA PHE B 381 -25.05 -17.52 0.77
C PHE B 381 -23.54 -17.68 0.81
N ASP B 382 -23.04 -18.73 0.15
CA ASP B 382 -21.60 -18.95 0.07
C ASP B 382 -21.13 -18.09 -1.12
N ASP B 383 -22.00 -18.03 -2.13
CA ASP B 383 -21.78 -17.32 -3.39
C ASP B 383 -20.92 -16.07 -3.32
N ILE B 384 -19.74 -16.12 -3.93
CA ILE B 384 -18.86 -14.95 -4.00
C ILE B 384 -19.41 -13.92 -4.97
N GLU B 385 -20.32 -14.34 -5.85
CA GLU B 385 -20.93 -13.39 -6.78
C GLU B 385 -21.90 -12.49 -5.97
N VAL B 386 -22.47 -13.04 -4.91
CA VAL B 386 -23.36 -12.23 -4.07
C VAL B 386 -22.55 -11.26 -3.22
N LYS B 387 -21.41 -11.69 -2.68
CA LYS B 387 -20.60 -10.78 -1.88
C LYS B 387 -20.18 -9.64 -2.80
N GLY B 388 -19.91 -9.98 -4.06
CA GLY B 388 -19.55 -8.97 -5.05
C GLY B 388 -20.70 -7.99 -5.31
N PHE B 389 -21.94 -8.49 -5.40
CA PHE B 389 -23.09 -7.60 -5.61
C PHE B 389 -23.26 -6.67 -4.36
N PHE B 390 -23.01 -7.20 -3.17
CA PHE B 390 -23.12 -6.41 -1.95
C PHE B 390 -22.09 -5.26 -2.04
N GLN B 391 -20.87 -5.60 -2.43
CA GLN B 391 -19.81 -4.62 -2.52
C GLN B 391 -20.17 -3.55 -3.55
N ASP B 392 -20.69 -3.98 -4.70
CA ASP B 392 -20.99 -3.04 -5.77
C ASP B 392 -22.31 -2.29 -5.68
N TYR B 393 -23.29 -2.83 -4.97
CA TYR B 393 -24.58 -2.18 -4.90
C TYR B 393 -25.07 -1.77 -3.53
N VAL B 394 -24.64 -2.47 -2.48
CA VAL B 394 -25.11 -2.11 -1.16
C VAL B 394 -24.16 -1.14 -0.47
N GLU B 395 -22.87 -1.46 -0.47
CA GLU B 395 -21.90 -0.56 0.15
C GLU B 395 -21.83 0.76 -0.61
N THR B 396 -22.26 0.78 -1.87
CA THR B 396 -22.23 2.02 -2.64
C THR B 396 -23.56 2.77 -2.48
N GLY B 397 -24.49 2.20 -1.72
CA GLY B 397 -25.78 2.85 -1.49
C GLY B 397 -26.79 2.78 -2.62
N LYS B 398 -26.53 1.99 -3.66
CA LYS B 398 -27.48 1.89 -4.77
C LYS B 398 -28.69 1.05 -4.38
N ALA B 399 -28.50 0.17 -3.40
CA ALA B 399 -29.58 -0.71 -2.96
C ALA B 399 -29.36 -1.09 -1.50
N THR B 400 -30.43 -1.50 -0.81
CA THR B 400 -30.27 -1.89 0.60
C THR B 400 -29.95 -3.37 0.72
N ALA B 401 -29.48 -3.81 1.88
CA ALA B 401 -29.23 -5.22 2.06
C ALA B 401 -30.52 -5.98 1.79
N GLU B 402 -31.66 -5.43 2.22
CA GLU B 402 -32.93 -6.13 2.02
C GLU B 402 -33.31 -6.29 0.55
N GLU B 403 -33.13 -5.24 -0.25
CA GLU B 403 -33.45 -5.33 -1.68
C GLU B 403 -32.53 -6.35 -2.38
N LEU B 404 -31.25 -6.40 -1.97
CA LEU B 404 -30.32 -7.35 -2.59
C LEU B 404 -30.82 -8.77 -2.30
N LEU B 405 -31.06 -9.05 -1.01
CA LEU B 405 -31.55 -10.35 -0.56
C LEU B 405 -32.80 -10.77 -1.29
N THR B 406 -33.77 -9.88 -1.36
CA THR B 406 -35.03 -10.19 -2.03
C THR B 406 -34.82 -10.73 -3.43
N ASN B 407 -33.86 -10.12 -4.11
CA ASN B 407 -33.55 -10.49 -5.48
C ASN B 407 -32.60 -11.64 -5.62
N VAL B 408 -31.46 -11.57 -4.94
CA VAL B 408 -30.53 -12.68 -5.12
C VAL B 408 -31.12 -13.99 -4.66
N ALA B 409 -32.09 -13.95 -3.75
CA ALA B 409 -32.69 -15.20 -3.31
C ALA B 409 -33.27 -15.94 -4.54
N LEU B 410 -33.59 -15.20 -5.60
CA LEU B 410 -34.18 -15.80 -6.79
C LEU B 410 -33.22 -16.09 -7.94
N THR B 411 -32.05 -15.49 -7.90
CA THR B 411 -31.10 -15.64 -8.99
C THR B 411 -29.80 -16.31 -8.58
N SER B 412 -29.49 -16.30 -7.29
CA SER B 412 -28.19 -16.83 -6.87
C SER B 412 -27.88 -18.22 -7.36
N ARG B 413 -26.64 -18.43 -7.75
CA ARG B 413 -26.26 -19.75 -8.20
C ARG B 413 -26.22 -20.73 -6.99
N ASP B 414 -26.25 -20.21 -5.77
CA ASP B 414 -26.23 -21.11 -4.62
C ASP B 414 -27.51 -21.94 -4.61
N ASN B 415 -28.56 -21.46 -5.27
CA ASN B 415 -29.80 -22.25 -5.30
C ASN B 415 -29.54 -23.57 -5.98
N ALA B 416 -28.52 -23.62 -6.84
CA ALA B 416 -28.23 -24.87 -7.57
C ALA B 416 -27.20 -25.74 -6.89
N ARG B 417 -26.64 -25.20 -5.83
CA ARG B 417 -25.55 -25.86 -5.14
C ARG B 417 -25.83 -26.56 -3.80
N THR B 418 -27.07 -26.54 -3.35
CA THR B 418 -27.36 -27.21 -2.10
C THR B 418 -27.23 -28.72 -2.40
N PRO B 419 -26.78 -29.50 -1.40
CA PRO B 419 -26.59 -30.95 -1.57
C PRO B 419 -27.70 -31.74 -2.23
N PHE B 420 -27.30 -32.66 -3.14
CA PHE B 420 -28.24 -33.52 -3.86
C PHE B 420 -29.02 -34.31 -2.80
N GLN B 421 -30.34 -34.46 -3.01
CA GLN B 421 -31.19 -35.13 -2.03
C GLN B 421 -31.42 -36.61 -2.39
N TRP B 422 -30.58 -37.47 -1.81
CA TRP B 422 -30.60 -38.92 -2.06
C TRP B 422 -31.72 -39.68 -1.37
N ASP B 423 -31.96 -39.33 -0.10
CA ASP B 423 -33.02 -40.00 0.66
C ASP B 423 -33.43 -39.10 1.84
N ASP B 424 -34.09 -39.66 2.85
CA ASP B 424 -34.47 -38.82 3.99
C ASP B 424 -33.72 -39.10 5.30
N SER B 425 -32.48 -39.53 5.20
CA SER B 425 -31.66 -39.72 6.38
C SER B 425 -31.05 -38.33 6.64
N ALA B 426 -30.20 -38.20 7.64
CA ALA B 426 -29.61 -36.91 7.96
C ALA B 426 -29.00 -36.25 6.70
N ASN B 427 -29.28 -34.97 6.49
CA ASN B 427 -28.76 -34.22 5.33
C ASN B 427 -29.00 -34.94 4.01
N ALA B 428 -30.22 -35.49 3.91
CA ALA B 428 -30.68 -36.20 2.74
C ALA B 428 -29.74 -37.27 2.22
N GLY B 429 -28.88 -37.79 3.09
CA GLY B 429 -28.00 -38.85 2.65
C GLY B 429 -26.83 -38.37 1.84
N PHE B 430 -26.60 -37.06 1.85
CA PHE B 430 -25.50 -36.50 1.12
C PHE B 430 -24.20 -36.65 1.92
N THR B 431 -24.31 -36.52 3.25
CA THR B 431 -23.15 -36.62 4.09
C THR B 431 -23.45 -37.14 5.50
N THR B 432 -22.43 -37.69 6.16
CA THR B 432 -22.58 -38.17 7.52
C THR B 432 -22.09 -37.10 8.46
N GLY B 433 -21.63 -35.99 7.90
CA GLY B 433 -21.14 -34.89 8.70
C GLY B 433 -21.98 -33.64 8.44
N LYS B 434 -21.31 -32.48 8.45
CA LYS B 434 -21.99 -31.23 8.22
C LYS B 434 -21.72 -30.75 6.79
N PRO B 435 -22.76 -30.61 5.96
CA PRO B 435 -22.61 -30.16 4.58
C PRO B 435 -22.02 -28.76 4.46
N TRP B 436 -21.17 -28.56 3.46
CA TRP B 436 -20.52 -27.28 3.27
C TRP B 436 -21.59 -26.18 3.07
N LEU B 437 -22.72 -26.55 2.49
CA LEU B 437 -23.81 -25.64 2.29
C LEU B 437 -25.06 -26.40 2.74
N LYS B 438 -25.91 -25.78 3.56
CA LYS B 438 -27.12 -26.44 4.07
C LYS B 438 -28.08 -27.11 3.06
N VAL B 439 -28.59 -28.29 3.42
CA VAL B 439 -29.53 -29.03 2.59
C VAL B 439 -30.91 -28.35 2.64
N ASN B 440 -31.67 -28.39 1.57
CA ASN B 440 -32.99 -27.79 1.57
C ASN B 440 -33.89 -28.62 2.51
N PRO B 441 -34.68 -27.97 3.40
CA PRO B 441 -35.53 -28.77 4.28
C PRO B 441 -36.52 -29.65 3.53
N ASN B 442 -36.85 -29.30 2.29
CA ASN B 442 -37.81 -30.12 1.57
C ASN B 442 -37.29 -31.48 1.11
N TYR B 443 -36.12 -31.89 1.60
CA TYR B 443 -35.55 -33.21 1.22
C TYR B 443 -36.42 -34.33 1.78
N THR B 444 -37.23 -34.03 2.80
CA THR B 444 -38.13 -35.02 3.41
C THR B 444 -39.18 -35.48 2.40
N GLU B 445 -39.50 -34.60 1.46
CA GLU B 445 -40.48 -34.92 0.43
C GLU B 445 -39.82 -35.15 -0.94
N ILE B 446 -38.69 -34.49 -1.18
CA ILE B 446 -38.00 -34.57 -2.47
C ILE B 446 -36.65 -35.25 -2.31
N ASN B 447 -36.56 -36.51 -2.68
CA ASN B 447 -35.28 -37.23 -2.58
C ASN B 447 -35.34 -38.43 -3.49
N ALA B 448 -34.19 -38.88 -3.97
CA ALA B 448 -34.13 -39.99 -4.92
C ALA B 448 -34.78 -41.30 -4.45
N ALA B 449 -34.51 -41.68 -3.19
CA ALA B 449 -35.08 -42.93 -2.72
C ALA B 449 -36.60 -42.95 -2.85
N ARG B 450 -37.23 -41.87 -2.48
CA ARG B 450 -38.68 -41.81 -2.52
C ARG B 450 -39.23 -41.81 -3.94
N GLU B 451 -38.46 -41.30 -4.89
CA GLU B 451 -38.93 -41.22 -6.26
C GLU B 451 -38.57 -42.44 -7.16
N ILE B 452 -37.44 -43.06 -6.90
CA ILE B 452 -36.98 -44.20 -7.70
C ILE B 452 -38.02 -45.32 -7.82
N GLY B 453 -38.65 -45.66 -6.70
CA GLY B 453 -39.63 -46.73 -6.76
C GLY B 453 -41.04 -46.36 -7.16
N ASP B 454 -41.30 -45.07 -7.36
CA ASP B 454 -42.64 -44.61 -7.71
C ASP B 454 -42.81 -44.27 -9.18
N PRO B 455 -43.62 -45.06 -9.88
CA PRO B 455 -43.90 -44.90 -11.31
C PRO B 455 -44.39 -43.52 -11.68
N LYS B 456 -45.03 -42.84 -10.73
CA LYS B 456 -45.59 -41.52 -11.00
C LYS B 456 -44.68 -40.36 -10.61
N SER B 457 -43.45 -40.64 -10.16
CA SER B 457 -42.54 -39.58 -9.73
C SER B 457 -41.91 -38.79 -10.86
N VAL B 458 -41.30 -37.65 -10.51
CA VAL B 458 -40.62 -36.79 -11.48
C VAL B 458 -39.45 -37.61 -12.07
N TYR B 459 -38.70 -38.28 -11.18
CA TYR B 459 -37.59 -39.12 -11.61
C TYR B 459 -38.02 -40.13 -12.67
N SER B 460 -39.12 -40.85 -12.44
CA SER B 460 -39.54 -41.85 -13.38
C SER B 460 -39.96 -41.22 -14.68
N PHE B 461 -40.52 -40.03 -14.59
CA PHE B 461 -40.94 -39.37 -15.81
C PHE B 461 -39.72 -38.99 -16.68
N TYR B 462 -38.67 -38.45 -16.05
CA TYR B 462 -37.42 -38.10 -16.75
C TYR B 462 -36.84 -39.39 -17.37
N ARG B 463 -36.78 -40.46 -16.60
CA ARG B 463 -36.24 -41.70 -17.13
C ARG B 463 -37.03 -42.15 -18.35
N ASN B 464 -38.35 -42.08 -18.29
CA ASN B 464 -39.14 -42.51 -19.43
C ASN B 464 -38.92 -41.61 -20.65
N LEU B 465 -38.75 -40.31 -20.41
CA LEU B 465 -38.50 -39.38 -21.50
C LEU B 465 -37.15 -39.69 -22.13
N ILE B 466 -36.15 -39.96 -21.31
CA ILE B 466 -34.82 -40.27 -21.83
C ILE B 466 -34.90 -41.52 -22.72
N SER B 467 -35.73 -42.50 -22.33
CA SER B 467 -35.87 -43.73 -23.11
C SER B 467 -36.50 -43.42 -24.45
N ILE B 468 -37.58 -42.65 -24.42
CA ILE B 468 -38.28 -42.28 -25.64
C ILE B 468 -37.36 -41.47 -26.57
N ARG B 469 -36.61 -40.54 -26.00
CA ARG B 469 -35.71 -39.77 -26.85
C ARG B 469 -34.72 -40.73 -27.53
N HIS B 470 -34.06 -41.57 -26.74
CA HIS B 470 -33.09 -42.53 -27.25
C HIS B 470 -33.68 -43.41 -28.38
N GLU B 471 -34.98 -43.70 -28.32
CA GLU B 471 -35.62 -44.54 -29.34
C GLU B 471 -36.25 -43.76 -30.49
N THR B 472 -36.15 -42.45 -30.48
CA THR B 472 -36.76 -41.65 -31.54
C THR B 472 -35.76 -40.65 -32.14
N PRO B 473 -35.13 -41.00 -33.28
CA PRO B 473 -34.15 -40.14 -33.93
C PRO B 473 -34.55 -38.68 -34.10
N ALA B 474 -35.76 -38.43 -34.61
CA ALA B 474 -36.22 -37.07 -34.80
C ALA B 474 -36.17 -36.26 -33.51
N LEU B 475 -36.25 -36.92 -32.36
CA LEU B 475 -36.24 -36.17 -31.10
C LEU B 475 -34.88 -35.59 -30.69
N SER B 476 -33.81 -36.06 -31.32
CA SER B 476 -32.50 -35.51 -31.02
C SER B 476 -32.03 -34.70 -32.23
N THR B 477 -31.82 -35.38 -33.35
CA THR B 477 -31.34 -34.71 -34.55
C THR B 477 -32.39 -34.21 -35.56
N GLY B 478 -33.66 -34.41 -35.28
CA GLY B 478 -34.66 -33.93 -36.23
C GLY B 478 -34.76 -32.42 -36.35
N SER B 479 -35.48 -31.94 -37.36
CA SER B 479 -35.64 -30.50 -37.49
C SER B 479 -36.54 -30.01 -36.35
N TYR B 480 -36.62 -28.69 -36.18
CA TYR B 480 -37.47 -28.12 -35.14
C TYR B 480 -38.31 -26.98 -35.66
N ARG B 481 -39.57 -26.96 -35.29
CA ARG B 481 -40.41 -25.86 -35.74
C ARG B 481 -41.44 -25.45 -34.70
N ASP B 482 -41.35 -24.21 -34.27
CA ASP B 482 -42.26 -23.63 -33.30
C ASP B 482 -43.61 -23.34 -34.00
N ILE B 483 -44.67 -24.04 -33.60
CA ILE B 483 -46.00 -23.85 -34.20
C ILE B 483 -46.51 -22.41 -34.13
N ASP B 484 -46.24 -21.71 -33.04
CA ASP B 484 -46.76 -20.35 -32.85
C ASP B 484 -45.99 -19.50 -31.83
N PRO B 485 -44.94 -18.81 -32.28
CA PRO B 485 -44.10 -17.96 -31.45
C PRO B 485 -44.82 -16.95 -30.57
N SER B 486 -46.03 -16.54 -30.97
CA SER B 486 -46.72 -15.53 -30.17
C SER B 486 -47.56 -16.08 -29.02
N ASN B 487 -47.86 -17.37 -29.05
CA ASN B 487 -48.70 -17.96 -28.00
C ASN B 487 -47.99 -17.98 -26.63
N ALA B 488 -48.56 -17.31 -25.63
CA ALA B 488 -47.94 -17.25 -24.31
C ALA B 488 -48.58 -18.20 -23.29
N ASP B 489 -49.34 -19.17 -23.77
CA ASP B 489 -50.00 -20.14 -22.88
C ASP B 489 -49.49 -21.56 -23.08
N VAL B 490 -49.51 -22.02 -24.32
CA VAL B 490 -49.12 -23.39 -24.66
C VAL B 490 -47.93 -23.42 -25.63
N TYR B 491 -46.87 -24.12 -25.25
CA TYR B 491 -45.66 -24.26 -26.09
C TYR B 491 -45.86 -25.47 -26.99
N ALA B 492 -45.98 -25.26 -28.29
CA ALA B 492 -46.19 -26.38 -29.21
C ALA B 492 -45.22 -26.37 -30.38
N TYR B 493 -44.61 -27.52 -30.65
CA TYR B 493 -43.66 -27.58 -31.74
C TYR B 493 -43.54 -28.97 -32.29
N THR B 494 -42.92 -29.09 -33.45
CA THR B 494 -42.71 -30.38 -34.08
C THR B 494 -41.22 -30.65 -34.25
N ARG B 495 -40.88 -31.93 -34.30
CA ARG B 495 -39.52 -32.39 -34.55
C ARG B 495 -39.74 -33.44 -35.62
N SER B 496 -38.93 -33.45 -36.67
CA SER B 496 -39.14 -34.48 -37.68
C SER B 496 -37.88 -34.87 -38.43
N GLN B 497 -37.85 -36.11 -38.86
CA GLN B 497 -36.69 -36.60 -39.58
C GLN B 497 -37.11 -37.74 -40.48
N ASP B 498 -36.55 -37.76 -41.67
CA ASP B 498 -36.86 -38.83 -42.59
C ASP B 498 -38.35 -39.14 -42.67
N GLY B 499 -39.18 -38.12 -42.86
CA GLY B 499 -40.62 -38.33 -42.98
C GLY B 499 -41.41 -38.40 -41.69
N GLU B 500 -40.80 -38.90 -40.63
CA GLU B 500 -41.46 -39.04 -39.34
C GLU B 500 -41.59 -37.66 -38.68
N THR B 501 -42.77 -37.37 -38.11
CA THR B 501 -42.96 -36.09 -37.45
C THR B 501 -43.59 -36.27 -36.06
N TYR B 502 -43.03 -35.57 -35.08
CA TYR B 502 -43.53 -35.64 -33.72
C TYR B 502 -43.98 -34.27 -33.30
N LEU B 503 -44.99 -34.23 -32.42
CA LEU B 503 -45.55 -33.00 -31.92
C LEU B 503 -45.40 -32.96 -30.41
N VAL B 504 -44.93 -31.84 -29.89
CA VAL B 504 -44.74 -31.67 -28.45
C VAL B 504 -45.68 -30.54 -28.03
N VAL B 505 -46.51 -30.79 -27.05
CA VAL B 505 -47.43 -29.77 -26.56
C VAL B 505 -47.30 -29.71 -25.04
N VAL B 506 -46.98 -28.50 -24.56
CA VAL B 506 -46.77 -28.24 -23.14
C VAL B 506 -47.53 -27.00 -22.62
N ASN B 507 -48.46 -27.24 -21.70
CA ASN B 507 -49.25 -26.16 -21.09
C ASN B 507 -48.43 -25.52 -19.99
N PHE B 508 -48.08 -24.24 -20.16
CA PHE B 508 -47.31 -23.53 -19.12
C PHE B 508 -48.20 -22.77 -18.11
N LYS B 509 -49.51 -22.98 -18.14
CA LYS B 509 -50.41 -22.28 -17.22
C LYS B 509 -51.02 -23.30 -16.26
N ALA B 510 -51.31 -22.84 -15.04
CA ALA B 510 -51.90 -23.68 -14.00
C ALA B 510 -53.42 -23.64 -14.19
N GLU B 511 -53.85 -23.71 -15.45
CA GLU B 511 -55.26 -23.67 -15.81
C GLU B 511 -55.48 -24.40 -17.11
N PRO B 512 -56.67 -24.97 -17.30
CA PRO B 512 -57.00 -25.72 -18.51
C PRO B 512 -56.83 -24.82 -19.73
N ARG B 513 -56.34 -25.40 -20.81
CA ARG B 513 -56.14 -24.66 -22.05
C ARG B 513 -56.38 -25.66 -23.15
N SER B 514 -56.67 -25.17 -24.34
CA SER B 514 -56.88 -26.09 -25.45
C SER B 514 -55.88 -25.74 -26.55
N PHE B 515 -55.53 -26.73 -27.34
CA PHE B 515 -54.58 -26.55 -28.43
C PHE B 515 -55.12 -27.12 -29.74
N THR B 516 -55.17 -26.29 -30.75
CA THR B 516 -55.66 -26.74 -32.04
C THR B 516 -54.46 -27.04 -32.95
N LEU B 517 -54.36 -28.29 -33.41
CA LEU B 517 -53.26 -28.70 -34.28
C LEU B 517 -53.31 -27.98 -35.61
N PRO B 518 -52.14 -27.70 -36.19
CA PRO B 518 -51.99 -27.01 -37.48
C PRO B 518 -52.87 -27.68 -38.55
N ASP B 519 -53.26 -26.93 -39.57
CA ASP B 519 -54.11 -27.48 -40.63
C ASP B 519 -53.58 -28.74 -41.26
N GLY B 520 -54.41 -29.77 -41.29
CA GLY B 520 -54.04 -31.02 -41.92
C GLY B 520 -53.23 -31.98 -41.08
N MET B 521 -52.92 -31.57 -39.85
CA MET B 521 -52.14 -32.43 -38.96
C MET B 521 -53.10 -33.14 -38.03
N HIS B 522 -52.81 -34.40 -37.75
CA HIS B 522 -53.67 -35.17 -36.86
C HIS B 522 -52.83 -36.09 -35.98
N ILE B 523 -53.30 -36.35 -34.76
CA ILE B 523 -52.58 -37.22 -33.84
C ILE B 523 -52.55 -38.63 -34.42
N ALA B 524 -51.43 -39.33 -34.27
CA ALA B 524 -51.32 -40.69 -34.77
C ALA B 524 -51.29 -41.62 -33.56
N GLU B 525 -50.41 -41.31 -32.62
CA GLU B 525 -50.29 -42.08 -31.39
C GLU B 525 -49.70 -41.19 -30.31
N THR B 526 -49.90 -41.59 -29.07
CA THR B 526 -49.37 -40.81 -27.98
C THR B 526 -48.18 -41.54 -27.40
N LEU B 527 -47.04 -40.85 -27.36
CA LEU B 527 -45.85 -41.48 -26.81
C LEU B 527 -45.88 -41.41 -25.31
N ILE B 528 -46.24 -40.25 -24.78
CA ILE B 528 -46.26 -40.06 -23.34
C ILE B 528 -46.92 -38.73 -22.97
N GLU B 529 -47.48 -38.65 -21.75
CA GLU B 529 -48.08 -37.43 -21.24
C GLU B 529 -47.84 -37.34 -19.73
N SER B 530 -47.81 -36.12 -19.22
CA SER B 530 -47.69 -35.88 -17.77
C SER B 530 -48.94 -35.07 -17.44
N SER B 531 -49.50 -35.30 -16.25
CA SER B 531 -50.70 -34.63 -15.76
C SER B 531 -51.92 -34.67 -16.67
N SER B 532 -52.03 -35.71 -17.51
CA SER B 532 -53.20 -35.89 -18.40
C SER B 532 -54.09 -37.03 -17.91
N PRO B 533 -55.41 -36.84 -17.97
CA PRO B 533 -56.29 -37.91 -17.50
C PRO B 533 -56.56 -38.90 -18.62
N ALA B 534 -56.39 -38.45 -19.87
CA ALA B 534 -56.62 -39.35 -20.99
C ALA B 534 -55.92 -38.83 -22.26
N ALA B 535 -55.26 -39.74 -22.98
CA ALA B 535 -54.56 -39.37 -24.22
C ALA B 535 -55.59 -39.06 -25.27
N PRO B 536 -55.22 -38.31 -26.32
CA PRO B 536 -56.19 -38.00 -27.36
C PRO B 536 -56.51 -39.25 -28.17
N ALA B 537 -57.60 -39.19 -28.93
CA ALA B 537 -58.00 -40.32 -29.76
C ALA B 537 -57.27 -40.27 -31.10
N ALA B 538 -56.95 -41.43 -31.65
CA ALA B 538 -56.29 -41.44 -32.94
C ALA B 538 -57.13 -40.61 -33.89
N GLY B 539 -56.48 -39.66 -34.54
CA GLY B 539 -57.17 -38.82 -35.49
C GLY B 539 -57.45 -37.42 -34.98
N ALA B 540 -57.38 -37.24 -33.66
CA ALA B 540 -57.67 -35.95 -33.06
C ALA B 540 -57.04 -34.78 -33.79
N ALA B 541 -57.77 -33.68 -33.86
CA ALA B 541 -57.30 -32.48 -34.51
C ALA B 541 -57.05 -31.41 -33.47
N SER B 542 -57.27 -31.74 -32.19
CA SER B 542 -57.05 -30.76 -31.14
C SER B 542 -56.81 -31.46 -29.82
N LEU B 543 -56.39 -30.71 -28.82
CA LEU B 543 -56.10 -31.29 -27.52
C LEU B 543 -56.67 -30.43 -26.44
N GLU B 544 -57.17 -31.08 -25.40
CA GLU B 544 -57.69 -30.39 -24.25
C GLU B 544 -56.57 -30.62 -23.26
N LEU B 545 -56.05 -29.55 -22.66
CA LEU B 545 -54.93 -29.71 -21.75
C LEU B 545 -55.27 -29.35 -20.32
N GLN B 546 -54.78 -30.17 -19.38
CA GLN B 546 -54.95 -29.91 -17.95
C GLN B 546 -53.85 -28.92 -17.56
N PRO B 547 -53.96 -28.34 -16.36
CA PRO B 547 -52.93 -27.40 -15.93
C PRO B 547 -51.56 -28.08 -16.01
N TRP B 548 -50.59 -27.39 -16.60
CA TRP B 548 -49.22 -27.91 -16.71
C TRP B 548 -49.06 -29.25 -17.42
N GLN B 549 -50.07 -29.64 -18.20
CA GLN B 549 -49.98 -30.91 -18.92
C GLN B 549 -48.92 -30.82 -19.98
N SER B 550 -48.29 -31.95 -20.26
CA SER B 550 -47.27 -31.99 -21.32
C SER B 550 -47.38 -33.32 -22.05
N GLY B 551 -46.96 -33.34 -23.31
CA GLY B 551 -47.03 -34.56 -24.05
C GLY B 551 -46.25 -34.58 -25.35
N ILE B 552 -45.98 -35.79 -25.83
CA ILE B 552 -45.28 -35.99 -27.08
C ILE B 552 -46.14 -36.95 -27.90
N TYR B 553 -46.43 -36.59 -29.15
CA TYR B 553 -47.26 -37.44 -30.03
C TYR B 553 -46.68 -37.55 -31.41
N LYS B 554 -46.95 -38.70 -32.04
CA LYS B 554 -46.53 -38.90 -33.42
C LYS B 554 -47.76 -38.40 -34.17
N VAL B 555 -47.56 -37.50 -35.11
CA VAL B 555 -48.66 -36.95 -35.87
C VAL B 555 -48.64 -37.58 -37.25
N LYS B 556 -49.66 -37.27 -38.03
CA LYS B 556 -49.80 -37.81 -39.38
C LYS B 556 -50.54 -36.77 -40.22
C1 GLC C . 19.49 18.78 13.89
C2 GLC C . 19.28 20.29 13.40
C3 GLC C . 17.74 20.68 13.72
C4 GLC C . 16.94 19.78 12.83
C5 GLC C . 17.16 18.32 13.15
C6 GLC C . 16.45 17.41 12.20
O2 GLC C . 20.24 21.03 14.14
O3 GLC C . 17.49 22.04 13.36
O4 GLC C . 15.49 20.04 12.98
O5 GLC C . 18.56 17.99 13.08
O6 GLC C . 17.24 17.40 10.97
C1 FRU C . 19.17 16.50 15.99
C2 FRU C . 18.59 17.87 16.33
C3 FRU C . 18.87 18.19 17.80
C4 FRU C . 17.49 18.02 18.49
C5 FRU C . 16.46 18.11 17.36
C6 FRU C . 15.66 19.38 17.23
O1 FRU C . 18.77 15.33 17.00
O2 FRU C . 19.25 18.71 15.36
O3 FRU C . 19.36 19.52 17.95
O4 FRU C . 17.39 16.72 19.11
O5 FRU C . 17.17 17.85 16.19
O6 FRU C . 15.92 20.39 16.88
C1 GLC D . -18.16 -19.66 -15.49
C2 GLC D . -18.45 -20.89 -14.52
C3 GLC D . -18.66 -20.33 -13.02
C4 GLC D . -17.32 -19.72 -12.64
C5 GLC D . -16.95 -18.58 -13.55
C6 GLC D . -15.60 -18.02 -13.24
O2 GLC D . -19.60 -21.54 -15.07
O3 GLC D . -18.94 -21.39 -12.12
O4 GLC D . -17.37 -19.16 -11.24
O5 GLC D . -16.93 -19.02 -14.95
O6 GLC D . -14.60 -18.96 -13.74
C1 FRU D . -18.84 -16.78 -16.65
C2 FRU D . -19.69 -17.34 -15.52
C3 FRU D . -21.14 -17.02 -15.77
C4 FRU D . -21.42 -15.84 -14.80
C5 FRU D . -20.34 -15.99 -13.70
C6 FRU D . -20.74 -16.64 -12.39
O1 FRU D . -19.03 -15.22 -16.90
O2 FRU D . -19.36 -18.76 -15.55
O3 FRU D . -21.95 -18.13 -15.49
O4 FRU D . -21.26 -14.59 -15.49
O5 FRU D . -19.33 -16.70 -14.30
O6 FRU D . -21.14 -17.61 -12.14
CA CA E . 12.93 37.29 1.62
CA CA F . -15.75 -35.67 1.00
#